data_4DN1
#
_entry.id   4DN1
#
_cell.length_a   102.360
_cell.length_b   102.360
_cell.length_c   369.620
_cell.angle_alpha   90.000
_cell.angle_beta   90.000
_cell.angle_gamma   120.000
#
_symmetry.space_group_name_H-M   'P 65 2 2'
#
loop_
_entity.id
_entity.type
_entity.pdbx_description
1 polymer 'Isomerase/lactonizing enzyme'
2 non-polymer 'MAGNESIUM ION'
3 non-polymer 'FORMIC ACID'
4 non-polymer 'CHLORIDE ION'
5 water water
#
_entity_poly.entity_id   1
_entity_poly.type   'polypeptide(L)'
_entity_poly.pdbx_seq_one_letter_code
;MGSSHHHHHHSSGLVPRGSHMNSPIATVEVFTLTQPRKVPYLGALREGEVVNPNGYIVRKGNRTVYPTFDRSVLVRMTTE
AGTVGWGETYGIVAPGAVAALINDLLAGFVIGRDASDPSAVYDDLYDMMRVRGYTGGFYVDALAALDIALWDIAGQEAGK
SIRDLLGGGVDSFPAYVSGLPERTLKARGELAKYWQDRGFNAFKFATPVADDGPAAEIANLRQVLGPQAKIAADMHWNQT
PERALELIAEMQPFDPWFAEAPVWTEDIAGLEKVSKNTDVPIAVGEEWRTHWDMRARIERCRIAIVQPEMGHKGITNFIR
IGALAAEHGIDVIPHATVGAGIFLAASLQASSTLSMLKGHEFQHSIFEPNRRLLDGDMDCREGRYHLPSGPGLGVRPSEA
ALGLIERI
;
_entity_poly.pdbx_strand_id   A,B
#
loop_
_chem_comp.id
_chem_comp.type
_chem_comp.name
_chem_comp.formula
CL non-polymer 'CHLORIDE ION' 'Cl -1'
FMT non-polymer 'FORMIC ACID' 'C H2 O2'
MG non-polymer 'MAGNESIUM ION' 'Mg 2'
#
# COMPACT_ATOMS: atom_id res chain seq x y z
N HIS A 20 -5.86 18.48 32.96
CA HIS A 20 -5.32 17.49 32.03
C HIS A 20 -6.42 16.74 31.27
N MET A 21 -7.49 17.45 30.93
CA MET A 21 -8.57 16.83 30.17
C MET A 21 -8.20 16.78 28.69
N ASN A 22 -8.88 15.93 27.94
CA ASN A 22 -8.62 15.87 26.52
C ASN A 22 -9.72 16.60 25.77
N SER A 23 -9.34 17.61 24.98
CA SER A 23 -10.30 18.41 24.23
C SER A 23 -10.48 17.83 22.82
N PRO A 24 -11.72 17.79 22.33
CA PRO A 24 -11.94 17.18 21.00
C PRO A 24 -11.16 17.92 19.94
N ILE A 25 -10.73 17.20 18.90
CA ILE A 25 -10.06 17.83 17.76
C ILE A 25 -11.04 18.72 17.02
N ALA A 26 -10.64 19.96 16.71
CA ALA A 26 -11.52 20.87 16.01
C ALA A 26 -11.18 20.96 14.53
N THR A 27 -9.89 21.03 14.22
CA THR A 27 -9.49 21.21 12.84
C THR A 27 -8.26 20.38 12.50
N VAL A 28 -8.13 20.04 11.23
CA VAL A 28 -7.00 19.28 10.73
C VAL A 28 -6.54 19.94 9.43
N GLU A 29 -5.31 20.45 9.44
CA GLU A 29 -4.80 21.23 8.32
C GLU A 29 -3.57 20.56 7.72
N VAL A 30 -3.57 20.41 6.40
CA VAL A 30 -2.47 19.74 5.72
C VAL A 30 -1.67 20.75 4.91
N PHE A 31 -0.34 20.66 4.99
CA PHE A 31 0.57 21.55 4.28
C PHE A 31 1.69 20.76 3.62
N THR A 32 2.38 21.39 2.67
CA THR A 32 3.69 20.88 2.27
C THR A 32 4.75 21.90 2.66
N LEU A 33 5.96 21.40 2.87
CA LEU A 33 7.12 22.28 3.00
C LEU A 33 8.12 21.82 1.96
N THR A 34 8.45 22.71 1.01
CA THR A 34 9.35 22.35 -0.08
C THR A 34 10.58 23.23 -0.01
N GLN A 35 11.75 22.65 -0.22
CA GLN A 35 12.98 23.42 -0.20
C GLN A 35 14.00 22.78 -1.11
N PRO A 36 14.94 23.60 -1.63
CA PRO A 36 15.97 23.06 -2.52
C PRO A 36 16.83 22.08 -1.75
N ARG A 37 17.32 21.03 -2.41
CA ARG A 37 18.25 20.12 -1.79
C ARG A 37 19.57 20.86 -1.56
N LYS A 38 20.24 20.57 -0.44
CA LYS A 38 21.48 21.27 -0.08
C LYS A 38 22.63 20.29 -0.01
N VAL A 39 22.45 19.15 -0.66
CA VAL A 39 23.50 18.15 -0.73
C VAL A 39 23.67 17.76 -2.20
N PRO A 40 24.90 17.37 -2.60
CA PRO A 40 25.08 17.00 -4.01
C PRO A 40 24.43 15.65 -4.19
N TYR A 41 23.38 15.59 -5.00
CA TYR A 41 22.66 14.32 -5.17
C TYR A 41 22.62 13.90 -6.64
N LEU A 42 22.81 14.86 -7.53
CA LEU A 42 22.78 14.58 -8.97
C LEU A 42 24.05 13.87 -9.43
N GLY A 43 25.10 13.93 -8.60
CA GLY A 43 26.34 13.23 -8.90
C GLY A 43 26.08 11.73 -9.06
N ALA A 44 24.92 11.29 -8.56
CA ALA A 44 24.54 9.89 -8.62
C ALA A 44 24.00 9.47 -9.99
N LEU A 45 23.70 10.46 -10.84
CA LEU A 45 23.13 10.19 -12.16
C LEU A 45 24.20 10.25 -13.24
N ARG A 46 24.51 9.10 -13.85
CA ARG A 46 25.67 8.98 -14.71
C ARG A 46 25.33 8.50 -16.12
N GLU A 47 24.05 8.30 -16.40
CA GLU A 47 23.67 7.68 -17.66
C GLU A 47 22.79 8.60 -18.50
N GLY A 48 22.98 9.91 -18.32
CA GLY A 48 22.25 10.89 -19.11
C GLY A 48 20.80 10.99 -18.68
N GLU A 49 20.54 10.73 -17.40
CA GLU A 49 19.19 10.89 -16.85
C GLU A 49 18.61 12.30 -17.05
N VAL A 50 17.32 12.34 -17.38
CA VAL A 50 16.63 13.58 -17.75
C VAL A 50 15.54 13.89 -16.73
N VAL A 51 15.35 15.18 -16.45
CA VAL A 51 14.31 15.61 -15.52
C VAL A 51 12.95 15.47 -16.18
N ASN A 52 12.00 14.85 -15.47
CA ASN A 52 10.65 14.63 -15.98
C ASN A 52 9.67 15.66 -15.44
N PRO A 53 8.45 15.68 -15.99
CA PRO A 53 7.47 16.68 -15.55
C PRO A 53 7.38 16.72 -14.02
N ASN A 54 7.27 17.92 -13.46
CA ASN A 54 7.13 18.09 -12.02
C ASN A 54 8.39 17.76 -11.20
N GLY A 55 9.52 17.63 -11.89
CA GLY A 55 10.81 17.64 -11.23
C GLY A 55 11.30 16.30 -10.71
N TYR A 56 10.86 15.22 -11.35
CA TYR A 56 11.26 13.88 -10.93
C TYR A 56 12.32 13.35 -11.85
N ILE A 57 13.23 12.55 -11.29
CA ILE A 57 14.26 11.95 -12.11
C ILE A 57 14.44 10.50 -11.69
N VAL A 58 14.50 9.61 -12.68
CA VAL A 58 14.68 8.20 -12.41
C VAL A 58 16.13 7.77 -12.61
N ARG A 59 16.69 7.13 -11.59
CA ARG A 59 18.04 6.60 -11.67
C ARG A 59 18.04 5.30 -12.47
N LYS A 60 18.81 5.26 -13.56
CA LYS A 60 18.75 4.11 -14.46
C LYS A 60 19.27 2.81 -13.84
N GLY A 61 20.22 2.94 -12.92
CA GLY A 61 20.80 1.77 -12.27
C GLY A 61 19.83 1.04 -11.35
N ASN A 62 18.93 1.77 -10.73
CA ASN A 62 18.01 1.16 -9.78
C ASN A 62 16.53 1.37 -10.11
N ARG A 63 16.26 2.17 -11.14
CA ARG A 63 14.89 2.34 -11.64
C ARG A 63 13.98 3.10 -10.66
N THR A 64 14.57 3.61 -9.58
CA THR A 64 13.81 4.31 -8.55
C THR A 64 13.68 5.80 -8.89
N VAL A 65 12.54 6.40 -8.57
CA VAL A 65 12.32 7.81 -8.84
C VAL A 65 12.77 8.67 -7.66
N TYR A 66 13.37 9.84 -7.96
CA TYR A 66 13.79 10.81 -6.96
C TYR A 66 13.28 12.20 -7.27
N PRO A 67 13.09 13.01 -6.23
CA PRO A 67 12.73 14.42 -6.41
C PRO A 67 13.99 15.24 -6.64
N THR A 68 13.82 16.42 -7.23
CA THR A 68 14.92 17.35 -7.40
C THR A 68 14.79 18.48 -6.39
N PHE A 69 14.30 18.13 -5.19
CA PHE A 69 14.03 19.09 -4.12
C PHE A 69 13.73 18.28 -2.86
N ASP A 70 13.68 18.94 -1.71
CA ASP A 70 13.24 18.29 -0.48
C ASP A 70 11.80 18.70 -0.23
N ARG A 71 10.97 17.77 0.24
CA ARG A 71 9.56 18.10 0.46
C ARG A 71 8.95 17.11 1.41
N SER A 72 8.12 17.59 2.34
CA SER A 72 7.41 16.68 3.21
C SER A 72 6.00 17.20 3.43
N VAL A 73 5.13 16.36 3.99
CA VAL A 73 3.76 16.77 4.27
C VAL A 73 3.63 17.02 5.77
N LEU A 74 3.18 18.22 6.14
CA LEU A 74 2.99 18.55 7.55
C LEU A 74 1.50 18.61 7.87
N VAL A 75 1.12 18.20 9.08
CA VAL A 75 -0.28 18.28 9.54
C VAL A 75 -0.33 19.09 10.83
N ARG A 76 -1.16 20.13 10.87
CA ARG A 76 -1.38 20.85 12.11
C ARG A 76 -2.76 20.49 12.63
N MET A 77 -2.81 19.98 13.87
CA MET A 77 -4.06 19.46 14.43
C MET A 77 -4.36 20.28 15.69
N THR A 78 -5.58 20.81 15.80
CA THR A 78 -5.90 21.74 16.88
C THR A 78 -7.17 21.31 17.62
N THR A 79 -7.13 21.31 18.96
CA THR A 79 -8.33 20.94 19.73
C THR A 79 -9.26 22.13 19.88
N GLU A 80 -10.48 21.88 20.33
CA GLU A 80 -11.43 22.97 20.55
C GLU A 80 -10.88 23.95 21.58
N ALA A 81 -10.07 23.45 22.50
CA ALA A 81 -9.52 24.31 23.55
C ALA A 81 -8.24 25.03 23.11
N GLY A 82 -7.75 24.71 21.92
CA GLY A 82 -6.61 25.44 21.37
C GLY A 82 -5.25 24.79 21.46
N THR A 83 -5.20 23.53 21.87
CA THR A 83 -3.92 22.82 21.88
C THR A 83 -3.54 22.47 20.45
N VAL A 84 -2.31 22.78 20.08
CA VAL A 84 -1.87 22.59 18.71
C VAL A 84 -0.81 21.48 18.64
N GLY A 85 -1.08 20.45 17.84
CA GLY A 85 -0.12 19.39 17.64
C GLY A 85 0.31 19.32 16.18
N TRP A 86 1.51 18.80 15.95
CA TRP A 86 2.01 18.66 14.60
C TRP A 86 2.39 17.22 14.30
N GLY A 87 2.07 16.79 13.08
CA GLY A 87 2.55 15.52 12.57
C GLY A 87 3.22 15.74 11.23
N GLU A 88 3.90 14.73 10.70
CA GLU A 88 4.59 14.87 9.43
C GLU A 88 4.69 13.49 8.77
N THR A 89 4.63 13.44 7.44
CA THR A 89 4.91 12.21 6.73
C THR A 89 5.67 12.50 5.44
N TYR A 90 5.96 11.45 4.67
CA TYR A 90 6.61 11.62 3.37
C TYR A 90 5.81 12.53 2.45
N GLY A 91 6.51 13.42 1.74
CA GLY A 91 5.90 14.22 0.70
C GLY A 91 6.80 14.44 -0.51
N ILE A 92 7.93 13.72 -0.59
CA ILE A 92 8.83 13.91 -1.72
C ILE A 92 8.13 13.58 -3.05
N VAL A 93 7.19 12.65 -3.00
CA VAL A 93 6.54 12.22 -4.24
C VAL A 93 5.02 12.32 -4.11
N ALA A 94 4.39 13.03 -5.05
CA ALA A 94 2.93 13.18 -5.04
C ALA A 94 2.31 13.41 -3.66
N PRO A 95 2.67 14.53 -3.01
CA PRO A 95 2.10 14.87 -1.70
C PRO A 95 0.59 15.05 -1.77
N GLY A 96 0.05 15.30 -2.96
CA GLY A 96 -1.39 15.40 -3.12
C GLY A 96 -2.11 14.11 -2.77
N ALA A 97 -1.39 12.99 -2.79
CA ALA A 97 -2.02 11.72 -2.45
C ALA A 97 -2.41 11.70 -0.97
N VAL A 98 -1.41 11.86 -0.10
CA VAL A 98 -1.68 11.95 1.34
C VAL A 98 -2.65 13.10 1.63
N ALA A 99 -2.46 14.25 0.98
CA ALA A 99 -3.35 15.39 1.23
C ALA A 99 -4.80 15.07 0.90
N ALA A 100 -5.00 14.33 -0.18
CA ALA A 100 -6.36 13.98 -0.57
C ALA A 100 -6.94 13.02 0.46
N LEU A 101 -6.14 12.05 0.87
CA LEU A 101 -6.61 11.09 1.86
C LEU A 101 -7.03 11.82 3.14
N ILE A 102 -6.25 12.81 3.56
CA ILE A 102 -6.57 13.48 4.82
C ILE A 102 -7.76 14.42 4.64
N ASN A 103 -7.68 15.31 3.66
CA ASN A 103 -8.76 16.27 3.42
C ASN A 103 -10.10 15.64 3.09
N ASP A 104 -10.11 14.62 2.22
CA ASP A 104 -11.37 14.06 1.74
C ASP A 104 -11.97 13.05 2.71
N LEU A 105 -11.12 12.24 3.33
CA LEU A 105 -11.61 11.09 4.10
C LEU A 105 -11.27 11.12 5.58
N LEU A 106 -9.97 11.22 5.89
CA LEU A 106 -9.51 10.93 7.24
C LEU A 106 -9.81 12.05 8.27
N ALA A 107 -9.61 13.29 7.86
CA ALA A 107 -9.83 14.42 8.80
C ALA A 107 -11.23 14.34 9.44
N GLY A 108 -12.22 14.00 8.63
CA GLY A 108 -13.61 14.01 9.10
C GLY A 108 -13.85 12.98 10.18
N PHE A 109 -13.02 11.93 10.21
CA PHE A 109 -13.16 10.91 11.26
C PHE A 109 -12.23 11.14 12.45
N VAL A 110 -11.40 12.18 12.39
CA VAL A 110 -10.55 12.57 13.52
C VAL A 110 -11.20 13.71 14.32
N ILE A 111 -11.78 14.65 13.59
CA ILE A 111 -12.49 15.78 14.19
C ILE A 111 -13.62 15.26 15.09
N GLY A 112 -13.70 15.77 16.32
CA GLY A 112 -14.69 15.27 17.26
C GLY A 112 -14.13 14.16 18.15
N ARG A 113 -13.06 13.49 17.70
CA ARG A 113 -12.39 12.52 18.56
C ARG A 113 -11.46 13.31 19.47
N ASP A 114 -10.90 12.65 20.48
CA ASP A 114 -9.90 13.29 21.32
C ASP A 114 -8.61 12.46 21.42
N ALA A 115 -7.64 12.96 22.19
CA ALA A 115 -6.33 12.33 22.26
C ALA A 115 -6.16 11.49 23.51
N SER A 116 -7.26 11.09 24.12
CA SER A 116 -7.20 10.28 25.34
C SER A 116 -6.57 8.92 25.05
N ASP A 117 -6.74 8.46 23.81
CA ASP A 117 -6.24 7.15 23.39
C ASP A 117 -5.85 7.22 21.92
N PRO A 118 -4.69 7.83 21.61
CA PRO A 118 -4.38 8.04 20.18
C PRO A 118 -4.36 6.74 19.39
N SER A 119 -3.91 5.65 19.98
CA SER A 119 -3.80 4.40 19.24
C SER A 119 -5.17 3.87 18.86
N ALA A 120 -6.18 4.17 19.67
CA ALA A 120 -7.55 3.79 19.34
C ALA A 120 -8.00 4.51 18.08
N VAL A 121 -7.66 5.78 17.94
CA VAL A 121 -8.04 6.52 16.74
C VAL A 121 -7.32 5.95 15.52
N TYR A 122 -6.02 5.67 15.68
CA TYR A 122 -5.26 5.03 14.60
C TYR A 122 -5.92 3.73 14.13
N ASP A 123 -6.23 2.84 15.08
CA ASP A 123 -6.85 1.56 14.72
C ASP A 123 -8.19 1.73 13.99
N ASP A 124 -9.00 2.69 14.43
CA ASP A 124 -10.26 2.97 13.73
C ASP A 124 -10.04 3.43 12.29
N LEU A 125 -9.09 4.34 12.08
CA LEU A 125 -8.82 4.83 10.73
C LEU A 125 -8.27 3.72 9.86
N TYR A 126 -7.38 2.90 10.41
CA TYR A 126 -6.76 1.83 9.63
C TYR A 126 -7.82 0.85 9.21
N ASP A 127 -8.72 0.52 10.14
CA ASP A 127 -9.80 -0.42 9.86
C ASP A 127 -10.75 0.03 8.75
N MET A 128 -10.88 1.32 8.53
CA MET A 128 -11.81 1.82 7.51
C MET A 128 -11.53 1.27 6.13
N MET A 129 -10.26 1.02 5.83
CA MET A 129 -9.89 0.68 4.46
C MET A 129 -9.09 -0.61 4.32
N ARG A 130 -8.85 -1.32 5.42
CA ARG A 130 -7.91 -2.44 5.35
C ARG A 130 -8.39 -3.60 4.48
N VAL A 131 -9.70 -3.86 4.44
CA VAL A 131 -10.20 -5.01 3.67
C VAL A 131 -10.14 -4.79 2.16
N ARG A 132 -9.89 -3.55 1.77
CA ARG A 132 -9.71 -3.21 0.36
C ARG A 132 -8.22 -3.20 -0.01
N GLY A 133 -7.39 -3.58 0.96
CA GLY A 133 -5.97 -3.76 0.69
C GLY A 133 -5.12 -2.52 0.88
N TYR A 134 -5.70 -1.46 1.45
CA TYR A 134 -4.92 -0.25 1.69
C TYR A 134 -4.23 -0.32 3.05
N THR A 135 -3.39 -1.33 3.21
CA THR A 135 -2.81 -1.67 4.51
C THR A 135 -1.40 -1.10 4.68
N GLY A 136 -0.96 -0.28 3.72
CA GLY A 136 0.37 0.28 3.78
C GLY A 136 0.50 1.52 2.92
N GLY A 137 1.60 1.61 2.17
CA GLY A 137 1.76 2.69 1.20
C GLY A 137 1.42 4.08 1.70
N PHE A 138 0.68 4.81 0.87
CA PHE A 138 0.31 6.19 1.15
C PHE A 138 -0.79 6.26 2.22
N TYR A 139 -1.60 5.23 2.32
CA TYR A 139 -2.63 5.24 3.34
C TYR A 139 -2.01 5.30 4.72
N VAL A 140 -1.05 4.42 4.98
CA VAL A 140 -0.42 4.49 6.29
C VAL A 140 0.47 5.71 6.44
N ASP A 141 1.10 6.15 5.34
CA ASP A 141 1.77 7.46 5.36
C ASP A 141 0.84 8.47 6.01
N ALA A 142 -0.40 8.56 5.51
CA ALA A 142 -1.34 9.54 6.03
C ALA A 142 -1.65 9.29 7.50
N LEU A 143 -1.87 8.04 7.87
CA LEU A 143 -2.20 7.72 9.26
C LEU A 143 -1.04 8.12 10.16
N ALA A 144 0.17 8.02 9.65
CA ALA A 144 1.37 8.32 10.43
C ALA A 144 1.35 9.78 10.85
N ALA A 145 1.07 10.66 9.90
CA ALA A 145 1.05 12.09 10.20
C ALA A 145 -0.01 12.39 11.23
N LEU A 146 -1.19 11.77 11.06
CA LEU A 146 -2.27 12.01 12.01
C LEU A 146 -1.93 11.44 13.39
N ASP A 147 -1.29 10.27 13.42
CA ASP A 147 -0.94 9.63 14.68
C ASP A 147 0.06 10.49 15.47
N ILE A 148 1.07 10.99 14.77
CA ILE A 148 2.07 11.81 15.43
C ILE A 148 1.45 13.07 16.03
N ALA A 149 0.61 13.75 15.26
CA ALA A 149 -0.06 14.97 15.74
C ALA A 149 -0.91 14.67 16.98
N LEU A 150 -1.61 13.55 16.95
CA LEU A 150 -2.48 13.18 18.07
C LEU A 150 -1.68 12.90 19.34
N TRP A 151 -0.58 12.18 19.20
CA TRP A 151 0.28 11.93 20.36
C TRP A 151 0.86 13.23 20.90
N ASP A 152 1.17 14.16 20.00
CA ASP A 152 1.73 15.47 20.41
C ASP A 152 0.71 16.16 21.31
N ILE A 153 -0.54 16.17 20.86
CA ILE A 153 -1.63 16.72 21.65
C ILE A 153 -1.81 15.96 22.97
N ALA A 154 -1.81 14.63 22.90
CA ALA A 154 -1.96 13.82 24.10
C ALA A 154 -0.96 14.26 25.16
N GLY A 155 0.30 14.39 24.74
CA GLY A 155 1.35 14.75 25.68
C GLY A 155 1.13 16.15 26.24
N GLN A 156 0.87 17.12 25.36
CA GLN A 156 0.65 18.48 25.82
C GLN A 156 -0.48 18.51 26.83
N GLU A 157 -1.55 17.76 26.55
CA GLU A 157 -2.71 17.83 27.43
C GLU A 157 -2.41 17.18 28.80
N ALA A 158 -1.57 16.15 28.79
CA ALA A 158 -1.14 15.50 30.04
C ALA A 158 0.05 16.23 30.66
N GLY A 159 0.58 17.23 29.96
CA GLY A 159 1.79 17.89 30.40
C GLY A 159 2.95 16.91 30.53
N LYS A 160 3.04 15.98 29.57
CA LYS A 160 4.14 15.02 29.55
C LYS A 160 4.75 14.90 28.15
N SER A 161 6.04 14.59 28.10
CA SER A 161 6.67 14.29 26.83
C SER A 161 6.02 13.02 26.33
N ILE A 162 6.05 12.78 25.02
CA ILE A 162 5.50 11.54 24.50
C ILE A 162 6.15 10.32 25.16
N ARG A 163 7.47 10.31 25.29
CA ARG A 163 8.14 9.16 25.89
C ARG A 163 7.66 8.90 27.32
N ASP A 164 7.44 9.96 28.09
CA ASP A 164 6.88 9.81 29.43
C ASP A 164 5.48 9.21 29.38
N LEU A 165 4.67 9.73 28.47
CA LEU A 165 3.31 9.25 28.30
C LEU A 165 3.29 7.78 27.91
N LEU A 166 4.37 7.32 27.28
CA LEU A 166 4.47 5.92 26.86
C LEU A 166 5.11 5.06 27.94
N GLY A 167 5.31 5.61 29.13
CA GLY A 167 5.82 4.83 30.26
C GLY A 167 7.26 5.14 30.62
N GLY A 168 7.86 6.11 29.93
CA GLY A 168 9.22 6.52 30.22
C GLY A 168 10.19 6.11 29.14
N GLY A 169 11.18 6.96 28.88
CA GLY A 169 12.21 6.62 27.91
C GLY A 169 13.51 7.31 28.26
N VAL A 170 14.62 6.86 27.65
CA VAL A 170 15.91 7.51 27.86
C VAL A 170 15.89 8.88 27.21
N ASP A 171 16.88 9.72 27.52
CA ASP A 171 16.92 11.08 26.97
C ASP A 171 18.02 11.24 25.93
N SER A 172 18.80 10.17 25.75
CA SER A 172 19.83 10.15 24.73
C SER A 172 20.10 8.70 24.34
N PHE A 173 20.63 8.53 23.13
CA PHE A 173 21.03 7.20 22.64
C PHE A 173 21.94 7.37 21.43
N PRO A 174 22.68 6.30 21.08
CA PRO A 174 23.68 6.40 20.01
C PRO A 174 23.04 6.70 18.66
N ALA A 175 23.78 7.45 17.84
CA ALA A 175 23.37 7.73 16.48
C ALA A 175 24.46 7.18 15.57
N TYR A 176 24.07 6.67 14.41
CA TYR A 176 25.08 6.26 13.43
C TYR A 176 25.01 7.15 12.21
N VAL A 177 26.16 7.34 11.59
CA VAL A 177 26.27 8.26 10.47
C VAL A 177 25.91 7.58 9.16
N SER A 178 25.05 8.22 8.38
CA SER A 178 24.78 7.77 7.02
C SER A 178 24.85 8.98 6.10
N GLY A 179 25.25 8.75 4.86
CA GLY A 179 25.38 9.83 3.89
C GLY A 179 26.82 10.25 3.68
N LEU A 180 27.48 9.64 2.69
CA LEU A 180 28.85 10.00 2.35
C LEU A 180 28.87 10.63 0.97
N PRO A 181 28.36 11.88 0.89
CA PRO A 181 28.18 12.59 -0.39
C PRO A 181 29.49 13.12 -0.91
N GLU A 182 30.45 12.22 -1.12
CA GLU A 182 31.70 12.57 -1.81
C GLU A 182 31.84 11.73 -3.08
N ARG A 183 32.49 12.30 -4.08
CA ARG A 183 32.61 11.69 -5.40
C ARG A 183 33.55 10.48 -5.41
N THR A 184 34.65 10.57 -4.66
CA THR A 184 35.66 9.53 -4.67
C THR A 184 35.65 8.69 -3.40
N LEU A 185 36.15 7.46 -3.54
CA LEU A 185 36.33 6.54 -2.43
C LEU A 185 37.19 7.14 -1.30
N LYS A 186 38.27 7.84 -1.66
CA LYS A 186 39.12 8.44 -0.63
C LYS A 186 38.38 9.53 0.14
N ALA A 187 37.77 10.46 -0.60
CA ALA A 187 37.06 11.57 0.04
C ALA A 187 35.93 11.04 0.91
N ARG A 188 35.32 9.93 0.51
CA ARG A 188 34.25 9.34 1.32
C ARG A 188 34.83 8.88 2.65
N GLY A 189 36.01 8.27 2.60
CA GLY A 189 36.72 7.87 3.80
C GLY A 189 37.08 9.06 4.67
N GLU A 190 37.61 10.10 4.04
CA GLU A 190 37.97 11.32 4.75
C GLU A 190 36.75 11.93 5.44
N LEU A 191 35.60 11.85 4.78
CA LEU A 191 34.38 12.40 5.33
C LEU A 191 33.98 11.58 6.57
N ALA A 192 34.12 10.27 6.48
CA ALA A 192 33.77 9.37 7.57
C ALA A 192 34.68 9.64 8.76
N LYS A 193 35.96 9.83 8.45
CA LYS A 193 36.96 10.19 9.43
C LYS A 193 36.58 11.47 10.19
N TYR A 194 36.15 12.50 9.46
CA TYR A 194 35.72 13.74 10.09
C TYR A 194 34.61 13.50 11.11
N TRP A 195 33.62 12.69 10.73
CA TRP A 195 32.52 12.41 11.65
C TRP A 195 32.98 11.55 12.83
N GLN A 196 33.99 10.71 12.59
CA GLN A 196 34.57 9.94 13.68
C GLN A 196 35.27 10.87 14.67
N ASP A 197 35.96 11.89 14.14
CA ASP A 197 36.64 12.87 14.99
C ASP A 197 35.65 13.68 15.81
N ARG A 198 34.40 13.67 15.38
CA ARG A 198 33.35 14.37 16.12
C ARG A 198 32.63 13.46 17.10
N GLY A 199 33.16 12.24 17.27
CA GLY A 199 32.64 11.35 18.30
C GLY A 199 31.70 10.26 17.81
N PHE A 200 31.45 10.20 16.51
CA PHE A 200 30.71 9.09 15.94
C PHE A 200 31.61 7.86 15.76
N ASN A 201 31.07 6.69 16.11
CA ASN A 201 31.82 5.44 16.01
C ASN A 201 31.06 4.37 15.23
N ALA A 202 29.92 4.77 14.66
CA ALA A 202 29.12 3.87 13.83
C ALA A 202 28.76 4.54 12.50
N PHE A 203 28.90 3.79 11.40
CA PHE A 203 28.75 4.35 10.07
C PHE A 203 28.08 3.35 9.13
N LYS A 204 27.48 3.87 8.07
CA LYS A 204 26.89 3.02 7.03
C LYS A 204 27.22 3.61 5.67
N PHE A 205 27.42 2.74 4.68
CA PHE A 205 27.64 3.19 3.32
C PHE A 205 26.69 2.45 2.38
N ALA A 206 26.43 3.04 1.22
CA ALA A 206 25.54 2.42 0.23
C ALA A 206 26.37 1.66 -0.79
N THR A 207 26.10 0.36 -0.95
CA THR A 207 26.92 -0.51 -1.80
C THR A 207 26.98 -0.13 -3.27
N PRO A 208 25.88 0.43 -3.80
CA PRO A 208 25.86 0.84 -5.21
C PRO A 208 26.83 1.98 -5.51
N VAL A 209 27.12 2.81 -4.52
CA VAL A 209 27.91 4.03 -4.73
C VAL A 209 29.34 3.83 -5.24
N ALA A 210 29.99 2.75 -4.79
CA ALA A 210 31.40 2.52 -5.11
C ALA A 210 31.65 1.93 -6.49
N ASP A 211 32.34 2.71 -7.33
CA ASP A 211 32.69 2.28 -8.68
C ASP A 211 33.53 1.01 -8.63
N ASP A 212 34.20 0.79 -7.50
CA ASP A 212 35.14 -0.32 -7.36
C ASP A 212 34.57 -1.53 -6.62
N GLY A 213 33.37 -1.37 -6.07
CA GLY A 213 32.74 -2.47 -5.36
C GLY A 213 32.62 -2.27 -3.86
N PRO A 214 31.55 -2.83 -3.27
CA PRO A 214 31.28 -2.73 -1.83
C PRO A 214 32.45 -3.26 -1.02
N ALA A 215 33.12 -4.28 -1.54
CA ALA A 215 34.32 -4.84 -0.90
C ALA A 215 35.45 -3.80 -0.80
N ALA A 216 35.72 -3.11 -1.90
CA ALA A 216 36.74 -2.07 -1.90
C ALA A 216 36.36 -0.97 -0.90
N GLU A 217 35.09 -0.58 -0.91
CA GLU A 217 34.64 0.50 -0.04
C GLU A 217 34.79 0.12 1.43
N ILE A 218 34.27 -1.05 1.81
CA ILE A 218 34.33 -1.43 3.22
C ILE A 218 35.78 -1.62 3.63
N ALA A 219 36.56 -2.19 2.73
CA ALA A 219 38.01 -2.31 2.96
C ALA A 219 38.63 -0.96 3.29
N ASN A 220 38.35 0.06 2.48
CA ASN A 220 38.88 1.39 2.73
C ASN A 220 38.42 1.99 4.06
N LEU A 221 37.11 1.94 4.30
CA LEU A 221 36.53 2.46 5.53
C LEU A 221 37.12 1.76 6.77
N ARG A 222 37.16 0.44 6.74
CA ARG A 222 37.70 -0.33 7.87
C ARG A 222 39.11 0.12 8.21
N GLN A 223 39.93 0.29 7.18
CA GLN A 223 41.31 0.74 7.38
C GLN A 223 41.35 2.18 7.91
N VAL A 224 40.54 3.06 7.33
CA VAL A 224 40.52 4.46 7.71
C VAL A 224 40.02 4.65 9.13
N LEU A 225 38.92 3.96 9.45
CA LEU A 225 38.25 4.12 10.73
C LEU A 225 38.79 3.24 11.85
N GLY A 226 39.44 2.13 11.50
CA GLY A 226 39.97 1.23 12.51
C GLY A 226 38.99 0.12 12.87
N PRO A 227 39.46 -0.88 13.62
CA PRO A 227 38.70 -2.10 13.90
C PRO A 227 37.56 -1.91 14.90
N GLN A 228 37.61 -0.84 15.68
CA GLN A 228 36.59 -0.62 16.70
C GLN A 228 35.31 0.01 16.12
N ALA A 229 35.41 0.61 14.93
CA ALA A 229 34.27 1.29 14.31
C ALA A 229 33.21 0.31 13.82
N LYS A 230 31.95 0.71 13.90
CA LYS A 230 30.87 -0.06 13.28
C LYS A 230 30.64 0.44 11.87
N ILE A 231 30.73 -0.47 10.90
CA ILE A 231 30.55 -0.12 9.50
C ILE A 231 29.52 -1.06 8.88
N ALA A 232 28.33 -0.54 8.62
CA ALA A 232 27.26 -1.34 8.01
C ALA A 232 27.18 -1.10 6.50
N ALA A 233 26.57 -2.04 5.79
CA ALA A 233 26.41 -1.91 4.34
C ALA A 233 24.94 -1.92 3.97
N ASP A 234 24.47 -0.85 3.34
CA ASP A 234 23.10 -0.83 2.82
C ASP A 234 23.14 -1.34 1.37
N MET A 235 22.53 -2.50 1.15
CA MET A 235 22.64 -3.17 -0.14
C MET A 235 21.57 -2.74 -1.16
N HIS A 236 20.68 -1.85 -0.72
CA HIS A 236 19.73 -1.23 -1.63
C HIS A 236 18.97 -2.20 -2.53
N TRP A 237 18.58 -3.34 -1.96
CA TRP A 237 17.54 -4.19 -2.52
C TRP A 237 17.86 -4.95 -3.81
N ASN A 238 18.56 -4.31 -4.74
CA ASN A 238 18.64 -4.86 -6.10
C ASN A 238 19.69 -5.93 -6.33
N GLN A 239 19.49 -7.08 -5.69
CA GLN A 239 20.30 -8.27 -5.93
C GLN A 239 19.38 -9.46 -5.88
N THR A 240 19.72 -10.51 -6.63
CA THR A 240 19.14 -11.82 -6.37
C THR A 240 19.72 -12.30 -5.05
N PRO A 241 19.01 -13.22 -4.39
CA PRO A 241 19.54 -13.72 -3.11
C PRO A 241 20.93 -14.34 -3.24
N GLU A 242 21.22 -14.97 -4.37
CA GLU A 242 22.52 -15.56 -4.59
C GLU A 242 23.61 -14.50 -4.76
N ARG A 243 23.33 -13.45 -5.52
CA ARG A 243 24.28 -12.35 -5.71
C ARG A 243 24.50 -11.59 -4.40
N ALA A 244 23.45 -11.52 -3.60
CA ALA A 244 23.54 -10.82 -2.32
C ALA A 244 24.45 -11.59 -1.36
N LEU A 245 24.33 -12.92 -1.37
CA LEU A 245 25.20 -13.75 -0.55
C LEU A 245 26.67 -13.63 -0.98
N GLU A 246 26.91 -13.55 -2.28
CA GLU A 246 28.27 -13.37 -2.78
C GLU A 246 28.85 -12.07 -2.24
N LEU A 247 28.08 -10.98 -2.40
CA LEU A 247 28.53 -9.66 -1.98
C LEU A 247 28.86 -9.64 -0.49
N ILE A 248 27.94 -10.17 0.30
CA ILE A 248 28.13 -10.24 1.75
C ILE A 248 29.40 -11.02 2.07
N ALA A 249 29.64 -12.11 1.34
CA ALA A 249 30.85 -12.92 1.54
C ALA A 249 32.10 -12.10 1.26
N GLU A 250 32.07 -11.26 0.23
CA GLU A 250 33.20 -10.40 -0.10
C GLU A 250 33.44 -9.35 0.99
N MET A 251 32.38 -8.92 1.64
CA MET A 251 32.49 -7.88 2.67
C MET A 251 32.81 -8.45 4.05
N GLN A 252 32.48 -9.73 4.24
CA GLN A 252 32.52 -10.36 5.55
C GLN A 252 33.89 -10.26 6.26
N PRO A 253 35.00 -10.44 5.52
CA PRO A 253 36.33 -10.36 6.13
C PRO A 253 36.66 -8.99 6.73
N PHE A 254 35.83 -7.99 6.48
CA PHE A 254 36.09 -6.65 7.02
C PHE A 254 35.13 -6.30 8.15
N ASP A 255 34.39 -7.30 8.61
CA ASP A 255 33.56 -7.18 9.81
C ASP A 255 32.41 -6.20 9.64
N PRO A 256 31.56 -6.43 8.64
CA PRO A 256 30.39 -5.54 8.48
C PRO A 256 29.47 -5.60 9.68
N TRP A 257 29.04 -4.41 10.13
CA TRP A 257 28.13 -4.26 11.25
C TRP A 257 26.81 -4.98 10.99
N PHE A 258 26.19 -4.66 9.86
CA PHE A 258 25.08 -5.46 9.34
C PHE A 258 24.99 -5.27 7.84
N ALA A 259 24.23 -6.16 7.21
CA ALA A 259 23.88 -6.00 5.79
C ALA A 259 22.40 -5.64 5.73
N GLU A 260 22.11 -4.46 5.18
CA GLU A 260 20.73 -3.96 5.12
C GLU A 260 20.14 -4.17 3.73
N ALA A 261 18.88 -4.59 3.68
CA ALA A 261 18.11 -4.72 2.44
C ALA A 261 18.86 -5.47 1.34
N PRO A 262 19.19 -6.75 1.60
CA PRO A 262 19.96 -7.58 0.67
C PRO A 262 19.19 -7.88 -0.62
N VAL A 263 17.87 -8.01 -0.54
CA VAL A 263 17.07 -8.32 -1.71
C VAL A 263 15.79 -7.49 -1.74
N TRP A 264 14.98 -7.69 -2.78
CA TRP A 264 13.73 -6.96 -2.93
C TRP A 264 12.75 -7.21 -1.79
N THR A 265 12.06 -6.15 -1.37
CA THR A 265 11.09 -6.22 -0.28
C THR A 265 10.09 -7.36 -0.47
N GLU A 266 9.57 -7.49 -1.67
CA GLU A 266 8.55 -8.51 -1.95
C GLU A 266 9.12 -9.93 -1.84
N ASP A 267 10.42 -10.06 -2.07
CA ASP A 267 11.05 -11.38 -2.17
C ASP A 267 11.38 -11.98 -0.80
N ILE A 268 10.36 -12.41 -0.06
CA ILE A 268 10.54 -12.94 1.28
C ILE A 268 11.29 -14.28 1.28
N ALA A 269 11.03 -15.12 0.28
CA ALA A 269 11.77 -16.36 0.15
C ALA A 269 13.27 -16.08 0.00
N GLY A 270 13.60 -15.06 -0.79
CA GLY A 270 15.00 -14.71 -1.00
C GLY A 270 15.63 -14.15 0.27
N LEU A 271 14.82 -13.45 1.06
CA LEU A 271 15.32 -12.90 2.32
C LEU A 271 15.57 -14.04 3.31
N GLU A 272 14.62 -14.97 3.37
CA GLU A 272 14.81 -16.17 4.18
C GLU A 272 16.14 -16.83 3.78
N LYS A 273 16.32 -17.03 2.49
CA LYS A 273 17.51 -17.69 1.98
C LYS A 273 18.80 -16.95 2.37
N VAL A 274 18.83 -15.65 2.13
CA VAL A 274 20.01 -14.87 2.46
C VAL A 274 20.31 -14.94 3.96
N SER A 275 19.30 -14.66 4.77
CA SER A 275 19.44 -14.56 6.23
C SER A 275 19.90 -15.87 6.85
N LYS A 276 19.60 -16.98 6.19
CA LYS A 276 19.92 -18.29 6.74
C LYS A 276 21.23 -18.87 6.21
N ASN A 277 21.88 -18.14 5.32
CA ASN A 277 23.13 -18.64 4.74
C ASN A 277 24.32 -17.72 4.99
N THR A 278 24.14 -16.82 5.95
CA THR A 278 25.23 -15.95 6.38
C THR A 278 25.05 -15.61 7.86
N ASP A 279 26.17 -15.38 8.54
CA ASP A 279 26.16 -14.98 9.94
C ASP A 279 26.25 -13.46 10.08
N VAL A 280 26.51 -12.76 8.97
CA VAL A 280 26.43 -11.31 8.99
C VAL A 280 24.99 -10.97 9.32
N PRO A 281 24.80 -10.10 10.33
CA PRO A 281 23.45 -9.70 10.76
C PRO A 281 22.64 -9.08 9.61
N ILE A 282 21.39 -9.47 9.46
CA ILE A 282 20.52 -8.88 8.42
C ILE A 282 19.58 -7.83 9.01
N ALA A 283 19.54 -6.65 8.39
CA ALA A 283 18.67 -5.56 8.85
C ALA A 283 17.70 -5.20 7.73
N VAL A 284 16.44 -4.98 8.10
CA VAL A 284 15.41 -4.59 7.13
C VAL A 284 14.34 -3.75 7.83
N GLY A 285 13.47 -3.11 7.04
CA GLY A 285 12.27 -2.53 7.64
C GLY A 285 11.92 -1.08 7.33
N GLU A 286 12.84 -0.31 6.75
CA GLU A 286 12.54 1.11 6.51
C GLU A 286 11.32 1.32 5.63
N GLU A 287 11.06 0.39 4.71
CA GLU A 287 9.96 0.54 3.76
C GLU A 287 8.70 -0.19 4.21
N TRP A 288 8.71 -0.74 5.42
CA TRP A 288 7.49 -1.35 5.97
C TRP A 288 6.50 -0.27 6.42
N ARG A 289 5.31 -0.68 6.86
CA ARG A 289 4.35 0.26 7.44
C ARG A 289 3.85 -0.17 8.83
N THR A 290 3.67 -1.47 9.05
CA THR A 290 3.10 -1.92 10.32
C THR A 290 3.74 -3.21 10.82
N HIS A 291 3.42 -3.59 12.05
CA HIS A 291 3.93 -4.83 12.60
C HIS A 291 3.52 -6.03 11.74
N TRP A 292 2.45 -5.89 10.96
CA TRP A 292 2.04 -6.99 10.08
C TRP A 292 3.12 -7.31 9.05
N ASP A 293 3.78 -6.27 8.55
CA ASP A 293 4.88 -6.46 7.59
C ASP A 293 6.04 -7.20 8.26
N MET A 294 6.33 -6.81 9.49
CA MET A 294 7.36 -7.49 10.28
C MET A 294 7.04 -8.96 10.47
N ARG A 295 5.83 -9.26 10.92
CA ARG A 295 5.41 -10.64 11.17
C ARG A 295 5.59 -11.52 9.95
N ALA A 296 5.28 -10.98 8.78
CA ALA A 296 5.37 -11.77 7.54
C ALA A 296 6.82 -12.19 7.28
N ARG A 297 7.77 -11.39 7.76
CA ARG A 297 9.19 -11.70 7.54
C ARG A 297 9.83 -12.54 8.65
N ILE A 298 9.62 -12.17 9.91
CA ILE A 298 10.31 -12.86 10.99
C ILE A 298 9.75 -14.26 11.21
N GLU A 299 8.61 -14.55 10.57
CA GLU A 299 8.03 -15.89 10.66
C GLU A 299 8.76 -16.89 9.78
N ARG A 300 9.58 -16.39 8.86
CA ARG A 300 10.32 -17.24 7.91
C ARG A 300 11.81 -16.97 7.96
N CYS A 301 12.18 -15.71 8.16
CA CYS A 301 13.57 -15.29 8.02
C CYS A 301 14.28 -15.10 9.36
N ARG A 302 15.60 -14.98 9.27
CA ARG A 302 16.45 -14.74 10.42
C ARG A 302 16.85 -13.26 10.43
N ILE A 303 15.98 -12.43 11.01
CA ILE A 303 16.20 -10.98 11.03
C ILE A 303 16.91 -10.56 12.31
N ALA A 304 18.05 -9.89 12.17
CA ALA A 304 18.81 -9.45 13.31
C ALA A 304 18.36 -8.09 13.80
N ILE A 305 17.96 -7.24 12.86
CA ILE A 305 17.67 -5.83 13.16
C ILE A 305 16.50 -5.36 12.31
N VAL A 306 15.61 -4.57 12.90
CA VAL A 306 14.55 -3.91 12.14
C VAL A 306 14.77 -2.41 12.17
N GLN A 307 14.42 -1.73 11.07
CA GLN A 307 14.77 -0.33 10.90
C GLN A 307 13.54 0.46 10.52
N PRO A 308 12.60 0.61 11.47
CA PRO A 308 11.36 1.34 11.17
C PRO A 308 11.64 2.79 10.82
N GLU A 309 10.82 3.35 9.93
CA GLU A 309 10.92 4.73 9.53
C GLU A 309 9.68 5.47 10.03
N MET A 310 9.86 6.31 11.04
CA MET A 310 8.72 6.96 11.68
C MET A 310 7.81 7.66 10.71
N GLY A 311 8.40 8.31 9.70
CA GLY A 311 7.60 9.08 8.76
C GLY A 311 6.63 8.24 7.94
N HIS A 312 6.95 6.95 7.79
CA HIS A 312 6.06 6.03 7.08
C HIS A 312 5.02 5.40 8.04
N LYS A 313 5.31 5.39 9.33
CA LYS A 313 4.64 4.47 10.25
C LYS A 313 3.78 5.10 11.34
N GLY A 314 4.29 6.15 11.97
CA GLY A 314 3.62 6.73 13.11
C GLY A 314 4.04 6.07 14.41
N ILE A 315 3.74 6.74 15.52
CA ILE A 315 4.13 6.28 16.84
C ILE A 315 3.46 4.96 17.23
N THR A 316 2.14 4.87 17.06
CA THR A 316 1.42 3.63 17.34
C THR A 316 2.07 2.44 16.63
N ASN A 317 2.30 2.56 15.33
CA ASN A 317 2.93 1.46 14.58
C ASN A 317 4.35 1.19 15.03
N PHE A 318 5.05 2.25 15.41
CA PHE A 318 6.46 2.17 15.77
C PHE A 318 6.62 1.39 17.07
N ILE A 319 5.78 1.68 18.07
CA ILE A 319 5.90 0.98 19.34
C ILE A 319 5.41 -0.47 19.26
N ARG A 320 4.48 -0.74 18.36
CA ARG A 320 4.04 -2.12 18.16
C ARG A 320 5.16 -2.94 17.52
N ILE A 321 5.88 -2.32 16.58
CA ILE A 321 7.05 -2.97 15.98
C ILE A 321 8.15 -3.20 17.01
N GLY A 322 8.40 -2.20 17.86
CA GLY A 322 9.39 -2.34 18.92
C GLY A 322 9.01 -3.43 19.91
N ALA A 323 7.72 -3.52 20.22
CA ALA A 323 7.22 -4.56 21.13
C ALA A 323 7.42 -5.96 20.55
N LEU A 324 7.13 -6.13 19.27
CA LEU A 324 7.33 -7.42 18.61
C LEU A 324 8.81 -7.76 18.58
N ALA A 325 9.66 -6.75 18.33
CA ALA A 325 11.10 -6.97 18.34
C ALA A 325 11.55 -7.49 19.70
N ALA A 326 10.99 -6.91 20.77
CA ALA A 326 11.37 -7.33 22.12
C ALA A 326 11.01 -8.79 22.35
N GLU A 327 9.89 -9.22 21.79
CA GLU A 327 9.45 -10.61 21.94
C GLU A 327 10.44 -11.59 21.33
N HIS A 328 11.19 -11.13 20.34
CA HIS A 328 12.02 -12.06 19.59
C HIS A 328 13.52 -11.77 19.68
N GLY A 329 13.89 -10.84 20.55
CA GLY A 329 15.29 -10.53 20.75
C GLY A 329 15.89 -9.86 19.52
N ILE A 330 15.06 -9.13 18.79
CA ILE A 330 15.49 -8.44 17.58
C ILE A 330 15.87 -7.00 17.91
N ASP A 331 17.07 -6.58 17.52
CA ASP A 331 17.49 -5.20 17.77
C ASP A 331 16.68 -4.21 16.93
N VAL A 332 16.51 -3.00 17.46
CA VAL A 332 15.85 -1.93 16.71
C VAL A 332 16.84 -0.80 16.45
N ILE A 333 17.04 -0.49 15.18
CA ILE A 333 17.91 0.62 14.77
C ILE A 333 17.15 1.41 13.71
N PRO A 334 16.39 2.43 14.14
CA PRO A 334 15.47 3.10 13.21
C PRO A 334 16.16 3.90 12.11
N HIS A 335 15.44 4.02 11.00
CA HIS A 335 15.86 4.72 9.80
C HIS A 335 15.65 6.23 10.02
N ALA A 336 16.27 7.05 9.19
CA ALA A 336 16.04 8.49 9.21
C ALA A 336 16.14 8.97 7.78
N THR A 337 15.52 10.10 7.50
CA THR A 337 15.42 10.52 6.11
C THR A 337 15.12 12.02 5.96
N VAL A 338 14.86 12.44 4.73
CA VAL A 338 14.55 13.83 4.45
C VAL A 338 13.26 14.21 5.16
N GLY A 339 13.29 15.34 5.88
CA GLY A 339 12.11 15.83 6.53
C GLY A 339 12.44 17.06 7.36
N ALA A 340 11.42 17.78 7.81
CA ALA A 340 11.60 19.01 8.59
C ALA A 340 12.07 18.72 10.01
N GLY A 341 11.83 17.51 10.50
CA GLY A 341 12.26 17.14 11.84
C GLY A 341 11.11 16.79 12.78
N ILE A 342 9.89 16.96 12.30
CA ILE A 342 8.71 16.61 13.08
C ILE A 342 8.60 15.11 13.27
N PHE A 343 8.62 14.34 12.18
CA PHE A 343 8.57 12.89 12.38
C PHE A 343 9.89 12.33 12.93
N LEU A 344 11.01 13.02 12.69
CA LEU A 344 12.26 12.58 13.30
C LEU A 344 12.12 12.68 14.83
N ALA A 345 11.67 13.82 15.31
CA ALA A 345 11.42 13.99 16.74
C ALA A 345 10.48 12.91 17.27
N ALA A 346 9.41 12.58 16.53
CA ALA A 346 8.52 11.52 16.99
C ALA A 346 9.30 10.21 17.06
N SER A 347 10.19 10.01 16.09
CA SER A 347 11.04 8.83 16.09
C SER A 347 11.90 8.74 17.36
N LEU A 348 12.51 9.84 17.75
CA LEU A 348 13.34 9.85 18.95
C LEU A 348 12.49 9.51 20.19
N GLN A 349 11.32 10.14 20.30
CA GLN A 349 10.42 9.89 21.43
C GLN A 349 10.08 8.41 21.57
N ALA A 350 9.58 7.82 20.47
CA ALA A 350 9.17 6.42 20.50
C ALA A 350 10.36 5.49 20.73
N SER A 351 11.45 5.76 20.03
CA SER A 351 12.62 4.91 20.13
C SER A 351 13.12 4.82 21.57
N SER A 352 13.03 5.92 22.30
CA SER A 352 13.63 5.99 23.63
C SER A 352 12.94 5.07 24.61
N THR A 353 11.75 4.59 24.24
CA THR A 353 10.97 3.72 25.11
C THR A 353 11.23 2.25 24.81
N LEU A 354 12.00 1.98 23.77
CA LEU A 354 12.15 0.60 23.28
C LEU A 354 13.34 -0.13 23.90
N SER A 355 13.06 -1.22 24.61
CA SER A 355 14.12 -1.98 25.25
C SER A 355 15.15 -2.50 24.24
N MET A 356 14.71 -2.80 23.01
CA MET A 356 15.61 -3.40 22.03
C MET A 356 16.36 -2.37 21.18
N LEU A 357 16.24 -1.10 21.55
CA LEU A 357 16.92 -0.04 20.81
C LEU A 357 18.43 -0.15 20.94
N LYS A 358 19.12 -0.09 19.81
CA LYS A 358 20.58 -0.15 19.83
C LYS A 358 21.22 1.10 19.25
N GLY A 359 20.41 1.98 18.66
CA GLY A 359 20.93 3.20 18.04
C GLY A 359 19.95 3.73 17.00
N HIS A 360 20.35 4.75 16.26
CA HIS A 360 19.38 5.43 15.39
C HIS A 360 20.13 6.08 14.24
N GLU A 361 19.58 5.98 13.03
CA GLU A 361 20.23 6.59 11.89
C GLU A 361 20.30 8.11 12.05
N PHE A 362 21.40 8.69 11.61
CA PHE A 362 21.56 10.14 11.66
C PHE A 362 21.97 10.65 10.28
N GLN A 363 21.09 11.43 9.63
CA GLN A 363 21.38 12.05 8.34
C GLN A 363 21.95 13.44 8.59
N HIS A 364 23.26 13.53 8.82
CA HIS A 364 23.82 14.82 9.20
C HIS A 364 23.45 15.92 8.20
N SER A 365 23.44 15.56 6.92
CA SER A 365 23.32 16.56 5.85
C SER A 365 21.94 17.18 5.80
N ILE A 366 20.96 16.49 6.39
CA ILE A 366 19.58 16.98 6.45
C ILE A 366 19.36 17.67 7.80
N PHE A 367 19.72 16.96 8.86
CA PHE A 367 19.50 17.42 10.22
C PHE A 367 20.08 18.81 10.50
N GLU A 368 21.32 19.05 10.07
CA GLU A 368 22.01 20.27 10.43
C GLU A 368 21.39 21.55 9.86
N PRO A 369 21.21 21.62 8.54
CA PRO A 369 20.62 22.82 7.95
C PRO A 369 19.13 22.97 8.30
N ASN A 370 18.48 21.90 8.71
CA ASN A 370 17.07 21.99 9.09
C ASN A 370 16.79 22.46 10.53
N ARG A 371 17.84 22.72 11.30
CA ARG A 371 17.67 23.24 12.66
C ARG A 371 16.82 24.51 12.70
N ARG A 372 17.01 25.38 11.72
CA ARG A 372 16.25 26.64 11.70
C ARG A 372 14.76 26.44 11.45
N LEU A 373 14.37 25.24 11.01
CA LEU A 373 12.96 24.98 10.73
C LEU A 373 12.16 24.56 11.97
N LEU A 374 12.84 24.38 13.10
CA LEU A 374 12.17 23.89 14.31
C LEU A 374 12.37 24.80 15.52
N ASP A 375 11.36 24.86 16.38
CA ASP A 375 11.56 25.34 17.76
C ASP A 375 11.61 24.09 18.62
N GLY A 376 12.57 24.03 19.55
CA GLY A 376 12.67 22.88 20.45
C GLY A 376 14.06 22.29 20.49
N ASP A 377 14.42 21.70 21.63
CA ASP A 377 15.79 21.26 21.87
C ASP A 377 16.09 19.81 21.45
N MET A 378 15.92 19.51 20.18
CA MET A 378 16.34 18.21 19.64
C MET A 378 17.74 18.40 19.10
N ASP A 379 18.68 17.55 19.53
CA ASP A 379 20.05 17.72 19.08
C ASP A 379 20.68 16.37 18.78
N CYS A 380 21.85 16.41 18.15
CA CYS A 380 22.65 15.22 17.94
C CYS A 380 24.08 15.69 17.97
N ARG A 381 24.89 15.13 18.86
CA ARG A 381 26.27 15.55 18.96
C ARG A 381 27.07 14.47 19.67
N GLU A 382 28.36 14.38 19.34
CA GLU A 382 29.20 13.43 20.03
C GLU A 382 28.65 12.02 19.80
N GLY A 383 28.13 11.76 18.60
CA GLY A 383 27.57 10.45 18.30
C GLY A 383 26.33 10.02 19.05
N ARG A 384 25.63 10.96 19.70
CA ARG A 384 24.36 10.60 20.37
C ARG A 384 23.25 11.62 20.07
N TYR A 385 22.03 11.11 19.89
CA TYR A 385 20.86 11.95 19.83
C TYR A 385 20.54 12.46 21.23
N HIS A 386 20.11 13.70 21.32
CA HIS A 386 19.61 14.27 22.58
C HIS A 386 18.17 14.70 22.38
N LEU A 387 17.28 14.10 23.17
CA LEU A 387 15.84 14.30 22.97
C LEU A 387 15.34 15.65 23.50
N PRO A 388 14.27 16.18 22.88
CA PRO A 388 13.62 17.41 23.33
C PRO A 388 13.05 17.24 24.75
N SER A 389 12.90 18.34 25.47
CA SER A 389 12.57 18.30 26.88
C SER A 389 11.10 18.53 27.21
N GLY A 390 10.37 19.17 26.28
CA GLY A 390 9.02 19.63 26.57
C GLY A 390 7.92 18.58 26.48
N PRO A 391 6.67 19.00 26.76
CA PRO A 391 5.53 18.09 26.68
C PRO A 391 5.21 17.72 25.25
N GLY A 392 4.58 16.57 25.04
CA GLY A 392 4.25 16.13 23.70
C GLY A 392 5.49 15.81 22.88
N LEU A 393 5.48 16.25 21.63
CA LEU A 393 6.57 15.97 20.70
C LEU A 393 7.86 16.67 21.15
N GLY A 394 7.72 17.86 21.71
CA GLY A 394 8.89 18.60 22.18
C GLY A 394 9.48 19.53 21.13
N VAL A 395 9.00 19.44 19.89
CA VAL A 395 9.39 20.40 18.85
C VAL A 395 8.17 20.87 18.08
N ARG A 396 8.32 21.98 17.35
CA ARG A 396 7.27 22.42 16.42
C ARG A 396 7.93 23.21 15.30
N PRO A 397 7.21 23.44 14.19
CA PRO A 397 7.83 24.25 13.14
C PRO A 397 8.17 25.65 13.67
N SER A 398 9.33 26.18 13.30
CA SER A 398 9.72 27.50 13.75
C SER A 398 8.91 28.54 13.00
N GLU A 399 8.97 29.77 13.45
CA GLU A 399 8.35 30.88 12.75
C GLU A 399 8.82 30.92 11.29
N ALA A 400 10.11 30.67 11.07
CA ALA A 400 10.62 30.62 9.69
C ALA A 400 9.91 29.56 8.83
N ALA A 401 9.77 28.36 9.38
CA ALA A 401 9.06 27.29 8.67
C ALA A 401 7.60 27.68 8.35
N LEU A 402 6.94 28.37 9.29
CA LEU A 402 5.53 28.74 9.11
C LEU A 402 5.39 29.71 7.96
N GLY A 403 6.47 30.44 7.67
CA GLY A 403 6.47 31.37 6.56
C GLY A 403 6.49 30.63 5.23
N LEU A 404 6.97 29.39 5.26
CA LEU A 404 7.26 28.63 4.05
C LEU A 404 6.22 27.56 3.68
N ILE A 405 5.49 27.04 4.66
CA ILE A 405 4.55 25.96 4.36
C ILE A 405 3.45 26.45 3.42
N GLU A 406 2.99 25.56 2.54
CA GLU A 406 1.88 25.84 1.65
C GLU A 406 0.73 24.88 1.95
N ARG A 407 -0.51 25.39 2.01
CA ARG A 407 -1.68 24.54 2.19
C ARG A 407 -1.80 23.62 0.99
N ILE A 408 -2.31 22.41 1.21
CA ILE A 408 -2.53 21.48 0.11
C ILE A 408 -3.81 20.67 0.40
N MET B 21 1.69 -0.72 -35.86
CA MET B 21 2.42 0.52 -35.61
C MET B 21 1.90 1.26 -34.36
N ASN B 22 2.78 1.44 -33.38
CA ASN B 22 2.39 2.06 -32.12
C ASN B 22 2.84 3.52 -32.02
N SER B 23 1.87 4.40 -31.81
CA SER B 23 2.14 5.84 -31.71
C SER B 23 2.37 6.23 -30.24
N PRO B 24 3.29 7.17 -29.99
CA PRO B 24 3.59 7.55 -28.60
C PRO B 24 2.41 8.22 -27.90
N ILE B 25 2.27 7.94 -26.61
CA ILE B 25 1.23 8.57 -25.79
C ILE B 25 1.45 10.08 -25.80
N ALA B 26 0.41 10.85 -26.10
CA ALA B 26 0.53 12.32 -26.09
C ALA B 26 -0.01 12.92 -24.79
N THR B 27 -1.14 12.41 -24.32
CA THR B 27 -1.82 13.00 -23.18
C THR B 27 -2.44 11.93 -22.28
N VAL B 28 -2.55 12.25 -21.00
CA VAL B 28 -3.19 11.38 -20.03
C VAL B 28 -4.11 12.27 -19.22
N GLU B 29 -5.40 11.97 -19.23
CA GLU B 29 -6.39 12.78 -18.54
C GLU B 29 -7.13 11.93 -17.52
N VAL B 30 -7.28 12.45 -16.30
CA VAL B 30 -7.94 11.74 -15.22
C VAL B 30 -9.31 12.36 -14.92
N PHE B 31 -10.30 11.50 -14.65
CA PHE B 31 -11.66 11.95 -14.39
C PHE B 31 -12.24 11.16 -13.23
N THR B 32 -13.28 11.68 -12.59
CA THR B 32 -14.13 10.83 -11.76
C THR B 32 -15.48 10.71 -12.44
N LEU B 33 -16.15 9.59 -12.23
CA LEU B 33 -17.51 9.45 -12.72
C LEU B 33 -18.37 9.03 -11.54
N THR B 34 -19.21 9.95 -11.06
CA THR B 34 -20.14 9.65 -9.98
C THR B 34 -21.48 9.25 -10.55
N GLN B 35 -22.05 8.17 -10.04
CA GLN B 35 -23.23 7.61 -10.68
C GLN B 35 -24.52 8.08 -10.05
N PRO B 36 -25.59 8.15 -10.86
CA PRO B 36 -26.92 8.56 -10.43
C PRO B 36 -27.65 7.39 -9.78
N ARG B 37 -27.16 6.17 -9.95
CA ARG B 37 -27.74 5.03 -9.24
C ARG B 37 -26.76 4.56 -8.16
N LYS B 38 -27.25 3.81 -7.19
CA LYS B 38 -26.40 3.40 -6.07
C LYS B 38 -26.58 1.92 -5.78
N VAL B 39 -25.47 1.20 -5.68
CA VAL B 39 -25.51 -0.20 -5.26
C VAL B 39 -25.76 -0.29 -3.75
N PRO B 40 -26.77 -1.09 -3.36
CA PRO B 40 -27.10 -1.22 -1.94
C PRO B 40 -25.92 -1.76 -1.15
N TYR B 41 -25.83 -1.41 0.14
CA TYR B 41 -24.90 -2.09 1.04
C TYR B 41 -25.41 -3.51 1.31
N LEU B 42 -24.49 -4.46 1.46
CA LEU B 42 -24.87 -5.76 2.00
C LEU B 42 -24.92 -5.59 3.51
N GLY B 43 -26.12 -5.54 4.06
CA GLY B 43 -26.30 -5.20 5.46
C GLY B 43 -26.99 -3.87 5.60
N ALA B 44 -28.27 -3.93 5.99
CA ALA B 44 -29.08 -2.74 6.19
C ALA B 44 -28.47 -1.80 7.22
N LEU B 45 -28.74 -0.50 7.07
CA LEU B 45 -28.28 0.49 8.04
C LEU B 45 -28.94 0.25 9.39
N ARG B 46 -28.19 0.47 10.47
CA ARG B 46 -28.69 0.17 11.80
C ARG B 46 -28.59 1.36 12.72
N GLU B 47 -29.42 1.34 13.76
CA GLU B 47 -29.35 2.35 14.81
C GLU B 47 -27.90 2.61 15.21
N GLY B 48 -27.56 3.88 15.38
CA GLY B 48 -26.23 4.24 15.84
C GLY B 48 -25.27 4.58 14.71
N GLU B 49 -25.54 4.08 13.51
CA GLU B 49 -24.63 4.34 12.39
C GLU B 49 -24.76 5.79 11.93
N VAL B 50 -23.65 6.39 11.54
CA VAL B 50 -23.60 7.83 11.33
C VAL B 50 -23.14 8.15 9.92
N VAL B 51 -23.81 9.11 9.28
CA VAL B 51 -23.31 9.62 8.01
C VAL B 51 -22.36 10.79 8.31
N ASN B 52 -21.09 10.61 8.00
CA ASN B 52 -20.14 11.69 8.25
C ASN B 52 -20.42 12.86 7.31
N PRO B 53 -20.18 14.09 7.78
CA PRO B 53 -20.38 15.27 6.92
C PRO B 53 -19.49 15.22 5.68
N ASN B 54 -18.41 14.45 5.73
CA ASN B 54 -17.57 14.32 4.53
C ASN B 54 -18.15 13.36 3.51
N GLY B 55 -19.33 12.81 3.78
CA GLY B 55 -19.99 11.96 2.79
C GLY B 55 -19.72 10.47 2.90
N TYR B 56 -19.02 10.05 3.96
CA TYR B 56 -18.73 8.63 4.14
C TYR B 56 -19.44 8.06 5.36
N ILE B 57 -19.64 6.74 5.38
CA ILE B 57 -20.22 6.08 6.54
C ILE B 57 -19.37 4.90 6.95
N VAL B 58 -19.05 4.82 8.24
CA VAL B 58 -18.39 3.64 8.78
C VAL B 58 -19.45 2.69 9.34
N ARG B 59 -19.41 1.42 8.92
CA ARG B 59 -20.35 0.43 9.45
C ARG B 59 -19.92 0.03 10.86
N LYS B 60 -20.85 0.02 11.80
CA LYS B 60 -20.51 -0.31 13.19
C LYS B 60 -20.11 -1.78 13.35
N GLY B 61 -20.61 -2.62 12.45
CA GLY B 61 -20.27 -4.03 12.49
C GLY B 61 -18.84 -4.28 12.10
N ASN B 62 -18.53 -4.02 10.82
CA ASN B 62 -17.23 -4.38 10.28
C ASN B 62 -16.17 -3.25 10.33
N ARG B 63 -16.59 -2.03 10.68
CA ARG B 63 -15.65 -0.93 10.88
C ARG B 63 -15.06 -0.41 9.57
N THR B 64 -15.50 -0.97 8.46
CA THR B 64 -15.06 -0.55 7.13
C THR B 64 -15.82 0.69 6.67
N VAL B 65 -15.18 1.56 5.89
CA VAL B 65 -15.86 2.77 5.42
C VAL B 65 -16.54 2.55 4.08
N TYR B 66 -17.70 3.19 3.89
CA TYR B 66 -18.44 3.11 2.63
C TYR B 66 -18.87 4.49 2.16
N PRO B 67 -18.94 4.67 0.83
CA PRO B 67 -19.33 5.93 0.20
C PRO B 67 -20.85 6.05 0.20
N THR B 68 -21.36 7.25 -0.04
CA THR B 68 -22.80 7.45 -0.19
C THR B 68 -23.18 7.64 -1.66
N PHE B 69 -22.17 7.68 -2.53
CA PHE B 69 -22.34 7.67 -3.98
C PHE B 69 -21.43 6.60 -4.56
N ASP B 70 -21.83 5.96 -5.66
CA ASP B 70 -20.87 5.13 -6.38
C ASP B 70 -20.07 6.05 -7.30
N ARG B 71 -18.75 5.83 -7.35
CA ARG B 71 -17.87 6.73 -8.09
C ARG B 71 -16.63 5.95 -8.46
N SER B 72 -16.10 6.19 -9.66
CA SER B 72 -14.85 5.55 -10.07
C SER B 72 -13.94 6.56 -10.74
N VAL B 73 -12.67 6.19 -10.92
CA VAL B 73 -11.71 7.07 -11.59
C VAL B 73 -11.47 6.55 -13.00
N LEU B 74 -11.65 7.42 -13.99
CA LEU B 74 -11.45 7.01 -15.37
C LEU B 74 -10.22 7.73 -15.90
N VAL B 75 -9.48 7.05 -16.76
CA VAL B 75 -8.32 7.65 -17.40
C VAL B 75 -8.50 7.59 -18.90
N ARG B 76 -8.38 8.74 -19.56
CA ARG B 76 -8.36 8.80 -21.02
C ARG B 76 -6.92 9.01 -21.47
N MET B 77 -6.42 8.08 -22.27
CA MET B 77 -5.03 8.16 -22.73
C MET B 77 -5.03 8.24 -24.26
N THR B 78 -4.32 9.22 -24.81
CA THR B 78 -4.40 9.46 -26.25
C THR B 78 -3.02 9.49 -26.91
N THR B 79 -2.89 8.84 -28.06
CA THR B 79 -1.60 8.78 -28.76
C THR B 79 -1.46 10.04 -29.62
N GLU B 80 -0.24 10.32 -30.05
CA GLU B 80 -0.01 11.45 -30.96
C GLU B 80 -0.85 11.27 -32.23
N ALA B 81 -1.04 10.04 -32.67
CA ALA B 81 -1.81 9.78 -33.88
C ALA B 81 -3.32 9.82 -33.65
N GLY B 82 -3.75 9.99 -32.40
CA GLY B 82 -5.16 10.19 -32.12
C GLY B 82 -5.95 8.98 -31.66
N THR B 83 -5.26 7.88 -31.40
CA THR B 83 -5.94 6.71 -30.84
C THR B 83 -6.28 7.00 -29.37
N VAL B 84 -7.51 6.69 -28.98
CA VAL B 84 -7.95 6.95 -27.61
C VAL B 84 -8.21 5.66 -26.84
N GLY B 85 -7.56 5.50 -25.69
CA GLY B 85 -7.79 4.35 -24.85
C GLY B 85 -8.28 4.77 -23.48
N TRP B 86 -9.10 3.92 -22.83
CA TRP B 86 -9.58 4.22 -21.50
C TRP B 86 -9.16 3.19 -20.46
N GLY B 87 -8.83 3.66 -19.26
CA GLY B 87 -8.59 2.80 -18.11
C GLY B 87 -9.53 3.22 -16.97
N GLU B 88 -9.64 2.40 -15.94
CA GLU B 88 -10.51 2.71 -14.83
C GLU B 88 -9.96 2.07 -13.57
N THR B 89 -10.10 2.73 -12.42
CA THR B 89 -9.75 2.13 -11.15
C THR B 89 -10.71 2.59 -10.05
N TYR B 90 -10.46 2.17 -8.83
CA TYR B 90 -11.33 2.54 -7.70
C TYR B 90 -11.36 4.05 -7.48
N GLY B 91 -12.55 4.60 -7.23
CA GLY B 91 -12.69 6.00 -6.86
C GLY B 91 -13.74 6.22 -5.79
N ILE B 92 -14.16 5.16 -5.11
CA ILE B 92 -15.22 5.34 -4.11
C ILE B 92 -14.74 6.17 -2.92
N VAL B 93 -13.45 6.09 -2.64
CA VAL B 93 -12.89 6.84 -1.52
C VAL B 93 -11.65 7.62 -1.97
N ALA B 94 -11.60 8.90 -1.62
CA ALA B 94 -10.43 9.76 -1.91
C ALA B 94 -9.87 9.58 -3.32
N PRO B 95 -10.69 9.84 -4.34
CA PRO B 95 -10.20 9.67 -5.71
C PRO B 95 -9.05 10.63 -6.02
N GLY B 96 -8.88 11.68 -5.21
CA GLY B 96 -7.80 12.63 -5.45
C GLY B 96 -6.45 11.99 -5.22
N ALA B 97 -6.44 10.87 -4.51
CA ALA B 97 -5.18 10.17 -4.25
C ALA B 97 -4.65 9.60 -5.56
N VAL B 98 -5.45 8.78 -6.22
CA VAL B 98 -5.02 8.28 -7.52
C VAL B 98 -4.80 9.44 -8.48
N ALA B 99 -5.67 10.44 -8.43
CA ALA B 99 -5.54 11.54 -9.38
C ALA B 99 -4.20 12.25 -9.20
N ALA B 100 -3.79 12.44 -7.96
CA ALA B 100 -2.53 13.11 -7.68
C ALA B 100 -1.35 12.27 -8.16
N LEU B 101 -1.41 10.96 -7.91
CA LEU B 101 -0.35 10.06 -8.37
C LEU B 101 -0.18 10.16 -9.88
N ILE B 102 -1.29 10.18 -10.61
CA ILE B 102 -1.21 10.20 -12.08
C ILE B 102 -0.84 11.60 -12.60
N ASN B 103 -1.53 12.63 -12.15
CA ASN B 103 -1.24 13.97 -12.65
C ASN B 103 0.16 14.47 -12.30
N ASP B 104 0.63 14.18 -11.08
CA ASP B 104 1.89 14.73 -10.60
C ASP B 104 3.09 13.86 -10.95
N LEU B 105 2.95 12.55 -10.79
CA LEU B 105 4.09 11.65 -10.99
C LEU B 105 4.04 10.83 -12.28
N LEU B 106 2.99 10.03 -12.44
CA LEU B 106 2.99 8.93 -13.41
C LEU B 106 2.80 9.35 -14.85
N ALA B 107 1.85 10.26 -15.09
CA ALA B 107 1.52 10.64 -16.48
C ALA B 107 2.78 11.06 -17.23
N GLY B 108 3.63 11.81 -16.53
CA GLY B 108 4.86 12.31 -17.12
C GLY B 108 5.80 11.20 -17.57
N PHE B 109 5.71 10.04 -16.93
CA PHE B 109 6.57 8.92 -17.33
C PHE B 109 5.90 8.04 -18.39
N VAL B 110 4.60 8.22 -18.59
CA VAL B 110 3.90 7.47 -19.64
C VAL B 110 3.90 8.20 -20.98
N ILE B 111 3.73 9.52 -20.92
CA ILE B 111 3.74 10.34 -22.13
C ILE B 111 5.11 10.16 -22.80
N GLY B 112 5.10 9.81 -24.09
CA GLY B 112 6.34 9.57 -24.80
C GLY B 112 6.63 8.09 -25.00
N ARG B 113 6.10 7.25 -24.11
CA ARG B 113 6.21 5.80 -24.30
C ARG B 113 5.12 5.39 -25.29
N ASP B 114 5.13 4.13 -25.70
CA ASP B 114 4.04 3.64 -26.55
C ASP B 114 3.46 2.33 -26.03
N ALA B 115 2.52 1.79 -26.79
CA ALA B 115 1.76 0.62 -26.34
C ALA B 115 2.31 -0.67 -26.93
N SER B 116 3.54 -0.64 -27.44
CA SER B 116 4.13 -1.84 -28.05
C SER B 116 4.29 -2.96 -27.03
N ASP B 117 4.49 -2.58 -25.76
CA ASP B 117 4.75 -3.54 -24.69
C ASP B 117 4.22 -2.96 -23.40
N PRO B 118 2.88 -2.96 -23.24
CA PRO B 118 2.27 -2.29 -22.09
C PRO B 118 2.85 -2.79 -20.76
N SER B 119 3.13 -4.08 -20.66
CA SER B 119 3.64 -4.64 -19.40
C SER B 119 5.00 -4.06 -19.01
N ALA B 120 5.82 -3.72 -19.99
CA ALA B 120 7.12 -3.11 -19.71
C ALA B 120 6.93 -1.71 -19.15
N VAL B 121 5.90 -1.01 -19.61
CA VAL B 121 5.62 0.31 -19.05
C VAL B 121 5.16 0.14 -17.61
N TYR B 122 4.22 -0.78 -17.38
CA TYR B 122 3.78 -1.06 -16.02
C TYR B 122 4.95 -1.34 -15.09
N ASP B 123 5.84 -2.28 -15.49
CA ASP B 123 6.98 -2.61 -14.65
C ASP B 123 7.87 -1.40 -14.32
N ASP B 124 8.13 -0.56 -15.33
CA ASP B 124 8.89 0.67 -15.11
C ASP B 124 8.24 1.57 -14.06
N LEU B 125 6.94 1.79 -14.20
CA LEU B 125 6.22 2.63 -13.23
C LEU B 125 6.24 2.03 -11.83
N TYR B 126 6.04 0.71 -11.76
CA TYR B 126 6.04 0.02 -10.45
C TYR B 126 7.41 0.17 -9.79
N ASP B 127 8.46 -0.04 -10.57
CA ASP B 127 9.80 0.02 -10.04
C ASP B 127 10.18 1.39 -9.45
N MET B 128 9.48 2.44 -9.84
CA MET B 128 9.85 3.79 -9.39
C MET B 128 9.73 4.00 -7.88
N MET B 129 8.79 3.29 -7.24
CA MET B 129 8.49 3.57 -5.83
C MET B 129 8.54 2.32 -4.98
N ARG B 130 8.92 1.23 -5.64
CA ARG B 130 8.99 -0.09 -5.05
C ARG B 130 9.77 -0.13 -3.73
N VAL B 131 10.98 0.41 -3.74
CA VAL B 131 11.85 0.36 -2.57
C VAL B 131 11.35 1.20 -1.39
N ARG B 132 10.36 2.07 -1.63
CA ARG B 132 9.81 2.87 -0.52
C ARG B 132 8.53 2.24 0.01
N GLY B 133 8.18 1.08 -0.55
CA GLY B 133 7.10 0.27 -0.01
C GLY B 133 5.72 0.53 -0.57
N TYR B 134 5.65 1.32 -1.64
CA TYR B 134 4.37 1.59 -2.29
C TYR B 134 4.10 0.50 -3.35
N THR B 135 4.00 -0.74 -2.87
CA THR B 135 3.89 -1.90 -3.75
C THR B 135 2.44 -2.36 -3.92
N GLY B 136 1.50 -1.63 -3.34
CA GLY B 136 0.10 -1.99 -3.46
C GLY B 136 -0.80 -0.78 -3.33
N GLY B 137 -1.88 -0.93 -2.58
CA GLY B 137 -2.74 0.20 -2.21
C GLY B 137 -3.12 1.10 -3.38
N PHE B 138 -3.06 2.40 -3.15
CA PHE B 138 -3.44 3.38 -4.15
C PHE B 138 -2.44 3.48 -5.28
N TYR B 139 -1.18 3.14 -5.04
CA TYR B 139 -0.18 3.29 -6.09
C TYR B 139 -0.52 2.31 -7.22
N VAL B 140 -0.85 1.08 -6.87
CA VAL B 140 -1.18 0.11 -7.91
C VAL B 140 -2.59 0.33 -8.49
N ASP B 141 -3.51 0.91 -7.71
CA ASP B 141 -4.80 1.34 -8.28
C ASP B 141 -4.48 2.23 -9.48
N ALA B 142 -3.61 3.21 -9.27
CA ALA B 142 -3.25 4.15 -10.34
C ALA B 142 -2.59 3.44 -11.53
N LEU B 143 -1.64 2.55 -11.25
CA LEU B 143 -0.99 1.80 -12.32
C LEU B 143 -2.01 0.96 -13.08
N ALA B 144 -3.05 0.52 -12.36
CA ALA B 144 -4.07 -0.32 -12.97
C ALA B 144 -4.82 0.45 -14.07
N ALA B 145 -5.25 1.67 -13.75
CA ALA B 145 -5.99 2.46 -14.73
C ALA B 145 -5.08 2.75 -15.93
N LEU B 146 -3.82 3.08 -15.66
CA LEU B 146 -2.89 3.36 -16.76
C LEU B 146 -2.65 2.12 -17.61
N ASP B 147 -2.54 0.96 -16.96
CA ASP B 147 -2.22 -0.29 -17.65
C ASP B 147 -3.39 -0.72 -18.55
N ILE B 148 -4.61 -0.53 -18.06
CA ILE B 148 -5.78 -0.88 -18.86
C ILE B 148 -5.86 0.02 -20.09
N ALA B 149 -5.68 1.31 -19.89
CA ALA B 149 -5.74 2.24 -21.01
C ALA B 149 -4.72 1.89 -22.09
N LEU B 150 -3.52 1.47 -21.65
CA LEU B 150 -2.44 1.21 -22.60
C LEU B 150 -2.77 -0.05 -23.40
N TRP B 151 -3.33 -1.06 -22.75
CA TRP B 151 -3.75 -2.28 -23.48
C TRP B 151 -4.88 -1.98 -24.47
N ASP B 152 -5.79 -1.10 -24.07
CA ASP B 152 -6.90 -0.70 -24.94
C ASP B 152 -6.30 -0.08 -26.20
N ILE B 153 -5.31 0.80 -26.01
CA ILE B 153 -4.61 1.39 -27.14
C ILE B 153 -3.90 0.31 -27.96
N ALA B 154 -3.19 -0.60 -27.30
CA ALA B 154 -2.41 -1.60 -28.01
C ALA B 154 -3.32 -2.46 -28.90
N GLY B 155 -4.49 -2.81 -28.38
CA GLY B 155 -5.43 -3.63 -29.13
C GLY B 155 -5.95 -2.88 -30.35
N GLN B 156 -6.28 -1.60 -30.17
CA GLN B 156 -6.79 -0.81 -31.28
C GLN B 156 -5.71 -0.65 -32.34
N GLU B 157 -4.48 -0.39 -31.91
CA GLU B 157 -3.39 -0.24 -32.89
C GLU B 157 -3.11 -1.53 -33.64
N ALA B 158 -3.36 -2.67 -32.99
CA ALA B 158 -3.10 -3.97 -33.64
C ALA B 158 -4.31 -4.43 -34.41
N GLY B 159 -5.43 -3.72 -34.24
CA GLY B 159 -6.69 -4.16 -34.82
C GLY B 159 -7.16 -5.46 -34.19
N LYS B 160 -6.90 -5.62 -32.88
CA LYS B 160 -7.22 -6.87 -32.18
C LYS B 160 -7.83 -6.63 -30.80
N SER B 161 -8.75 -7.49 -30.38
CA SER B 161 -9.23 -7.44 -29.00
C SER B 161 -8.03 -7.70 -28.11
N ILE B 162 -8.11 -7.24 -26.86
CA ILE B 162 -7.06 -7.52 -25.90
C ILE B 162 -6.85 -9.02 -25.72
N ARG B 163 -7.92 -9.79 -25.68
CA ARG B 163 -7.75 -11.22 -25.46
C ARG B 163 -6.99 -11.90 -26.61
N ASP B 164 -7.23 -11.45 -27.85
CA ASP B 164 -6.44 -11.93 -28.98
C ASP B 164 -4.97 -11.54 -28.85
N LEU B 165 -4.73 -10.30 -28.39
CA LEU B 165 -3.38 -9.82 -28.16
C LEU B 165 -2.64 -10.73 -27.18
N LEU B 166 -3.41 -11.28 -26.24
CA LEU B 166 -2.83 -12.11 -25.19
C LEU B 166 -2.85 -13.59 -25.59
N GLY B 167 -3.08 -13.86 -26.87
CA GLY B 167 -2.97 -15.22 -27.37
C GLY B 167 -4.28 -15.93 -27.58
N GLY B 168 -5.39 -15.22 -27.33
CA GLY B 168 -6.70 -15.79 -27.56
C GLY B 168 -7.43 -16.09 -26.26
N GLY B 169 -8.76 -15.99 -26.31
CA GLY B 169 -9.61 -16.25 -25.16
C GLY B 169 -10.99 -16.67 -25.59
N VAL B 170 -11.72 -17.31 -24.68
CA VAL B 170 -13.09 -17.70 -24.97
C VAL B 170 -13.94 -16.45 -25.10
N ASP B 171 -15.11 -16.59 -25.72
CA ASP B 171 -15.99 -15.43 -25.91
C ASP B 171 -17.12 -15.38 -24.90
N SER B 172 -17.20 -16.40 -24.04
CA SER B 172 -18.20 -16.44 -22.99
C SER B 172 -17.77 -17.39 -21.89
N PHE B 173 -18.17 -17.09 -20.66
CA PHE B 173 -17.93 -17.97 -19.53
C PHE B 173 -18.95 -17.71 -18.43
N PRO B 174 -19.04 -18.63 -17.47
CA PRO B 174 -20.11 -18.57 -16.45
C PRO B 174 -19.94 -17.37 -15.54
N ALA B 175 -21.04 -16.77 -15.12
CA ALA B 175 -21.02 -15.75 -14.07
C ALA B 175 -21.68 -16.39 -12.85
N TYR B 176 -21.36 -15.90 -11.65
CA TYR B 176 -22.15 -16.33 -10.50
C TYR B 176 -22.63 -15.12 -9.73
N VAL B 177 -23.74 -15.29 -9.02
CA VAL B 177 -24.34 -14.19 -8.26
C VAL B 177 -23.53 -14.03 -6.98
N SER B 178 -22.78 -12.94 -6.92
CA SER B 178 -21.74 -12.78 -5.91
C SER B 178 -22.29 -12.17 -4.64
N GLY B 179 -23.54 -11.73 -4.67
CA GLY B 179 -24.17 -11.15 -3.50
C GLY B 179 -25.67 -11.16 -3.63
N LEU B 180 -26.35 -11.16 -2.49
CA LEU B 180 -27.81 -11.23 -2.45
C LEU B 180 -28.32 -10.05 -1.62
N PRO B 181 -28.52 -8.90 -2.26
CA PRO B 181 -28.92 -7.67 -1.53
C PRO B 181 -30.42 -7.61 -1.22
N GLU B 182 -30.85 -8.42 -0.25
CA GLU B 182 -32.19 -8.29 0.32
C GLU B 182 -32.02 -8.28 1.84
N ARG B 183 -32.99 -7.71 2.54
CA ARG B 183 -32.81 -7.38 3.96
C ARG B 183 -33.05 -8.58 4.88
N THR B 184 -33.75 -9.59 4.38
CA THR B 184 -34.01 -10.77 5.19
C THR B 184 -33.50 -12.06 4.57
N LEU B 185 -33.30 -13.04 5.43
CA LEU B 185 -32.84 -14.35 5.03
C LEU B 185 -33.82 -14.99 4.06
N LYS B 186 -35.11 -14.84 4.32
CA LYS B 186 -36.12 -15.41 3.43
C LYS B 186 -36.10 -14.72 2.06
N ALA B 187 -35.97 -13.40 2.07
CA ALA B 187 -35.93 -12.63 0.83
C ALA B 187 -34.67 -12.92 0.02
N ARG B 188 -33.55 -13.12 0.71
CA ARG B 188 -32.31 -13.42 0.01
C ARG B 188 -32.47 -14.76 -0.72
N GLY B 189 -33.23 -15.67 -0.12
CA GLY B 189 -33.46 -16.98 -0.72
C GLY B 189 -34.31 -16.89 -1.97
N GLU B 190 -35.30 -16.00 -1.93
CA GLU B 190 -36.18 -15.81 -3.07
C GLU B 190 -35.39 -15.19 -4.21
N LEU B 191 -34.53 -14.24 -3.85
CA LEU B 191 -33.70 -13.60 -4.88
C LEU B 191 -32.77 -14.64 -5.52
N ALA B 192 -32.21 -15.53 -4.70
CA ALA B 192 -31.30 -16.52 -5.22
C ALA B 192 -32.06 -17.41 -6.19
N LYS B 193 -33.29 -17.77 -5.82
CA LYS B 193 -34.12 -18.62 -6.66
C LYS B 193 -34.49 -17.97 -8.00
N TYR B 194 -34.85 -16.69 -7.95
CA TYR B 194 -35.04 -15.86 -9.14
C TYR B 194 -33.87 -16.00 -10.12
N TRP B 195 -32.64 -15.89 -9.62
CA TRP B 195 -31.51 -15.97 -10.54
C TRP B 195 -31.28 -17.40 -11.01
N GLN B 196 -31.55 -18.37 -10.14
CA GLN B 196 -31.37 -19.77 -10.50
C GLN B 196 -32.21 -20.11 -11.71
N ASP B 197 -33.44 -19.60 -11.70
CA ASP B 197 -34.36 -19.88 -12.78
C ASP B 197 -33.94 -19.17 -14.06
N ARG B 198 -32.99 -18.24 -13.95
CA ARG B 198 -32.54 -17.46 -15.10
C ARG B 198 -31.11 -17.81 -15.51
N GLY B 199 -30.70 -19.04 -15.18
CA GLY B 199 -29.50 -19.63 -15.77
C GLY B 199 -28.30 -19.66 -14.86
N PHE B 200 -28.42 -19.08 -13.67
CA PHE B 200 -27.32 -19.08 -12.72
C PHE B 200 -27.26 -20.38 -11.91
N ASN B 201 -26.06 -20.88 -11.71
CA ASN B 201 -25.88 -22.14 -10.99
C ASN B 201 -25.05 -21.99 -9.73
N ALA B 202 -24.54 -20.78 -9.50
CA ALA B 202 -23.61 -20.52 -8.41
C ALA B 202 -23.98 -19.22 -7.73
N PHE B 203 -23.81 -19.18 -6.41
CA PHE B 203 -24.31 -18.09 -5.60
C PHE B 203 -23.37 -17.91 -4.44
N LYS B 204 -23.38 -16.71 -3.85
CA LYS B 204 -22.57 -16.45 -2.66
C LYS B 204 -23.32 -15.50 -1.73
N PHE B 205 -23.14 -15.69 -0.42
CA PHE B 205 -23.75 -14.82 0.56
C PHE B 205 -22.69 -14.38 1.55
N ALA B 206 -22.95 -13.25 2.21
CA ALA B 206 -22.00 -12.71 3.19
C ALA B 206 -22.38 -13.20 4.59
N THR B 207 -21.42 -13.84 5.25
CA THR B 207 -21.72 -14.52 6.51
C THR B 207 -22.14 -13.60 7.67
N PRO B 208 -21.66 -12.36 7.68
CA PRO B 208 -22.02 -11.50 8.84
C PRO B 208 -23.47 -11.00 8.78
N VAL B 209 -24.17 -11.19 7.67
CA VAL B 209 -25.47 -10.54 7.48
C VAL B 209 -26.64 -11.18 8.25
N ALA B 210 -26.76 -12.50 8.15
CA ALA B 210 -27.88 -13.20 8.79
C ALA B 210 -27.93 -13.00 10.30
N ASP B 211 -29.12 -12.69 10.82
CA ASP B 211 -29.32 -12.57 12.26
C ASP B 211 -29.10 -13.91 12.94
N ASP B 212 -29.48 -14.99 12.28
CA ASP B 212 -29.42 -16.31 12.89
C ASP B 212 -28.08 -17.01 12.65
N GLY B 213 -27.17 -16.33 11.96
CA GLY B 213 -25.86 -16.89 11.72
C GLY B 213 -25.74 -17.59 10.37
N PRO B 214 -24.50 -17.68 9.87
CA PRO B 214 -24.22 -18.20 8.51
C PRO B 214 -24.67 -19.64 8.31
N ALA B 215 -24.61 -20.47 9.35
CA ALA B 215 -25.11 -21.84 9.24
C ALA B 215 -26.59 -21.84 8.85
N ALA B 216 -27.37 -20.97 9.50
CA ALA B 216 -28.78 -20.86 9.20
C ALA B 216 -28.98 -20.38 7.76
N GLU B 217 -28.15 -19.43 7.34
CA GLU B 217 -28.32 -18.91 5.99
C GLU B 217 -27.98 -19.95 4.93
N ILE B 218 -26.84 -20.62 5.04
CA ILE B 218 -26.49 -21.60 4.02
C ILE B 218 -27.49 -22.77 4.05
N ALA B 219 -27.97 -23.13 5.23
CA ALA B 219 -28.97 -24.19 5.33
C ALA B 219 -30.21 -23.80 4.51
N ASN B 220 -30.67 -22.58 4.67
CA ASN B 220 -31.83 -22.10 3.92
C ASN B 220 -31.58 -22.10 2.40
N LEU B 221 -30.46 -21.48 1.98
CA LEU B 221 -30.13 -21.44 0.56
C LEU B 221 -30.05 -22.84 -0.03
N ARG B 222 -29.46 -23.77 0.71
CA ARG B 222 -29.35 -25.16 0.24
C ARG B 222 -30.72 -25.80 0.07
N GLN B 223 -31.59 -25.54 1.03
CA GLN B 223 -32.96 -26.04 0.93
C GLN B 223 -33.67 -25.42 -0.28
N VAL B 224 -33.54 -24.12 -0.42
CA VAL B 224 -34.23 -23.40 -1.49
C VAL B 224 -33.70 -23.77 -2.88
N LEU B 225 -32.38 -23.89 -3.00
CA LEU B 225 -31.76 -24.01 -4.33
C LEU B 225 -31.52 -25.45 -4.77
N GLY B 226 -31.57 -26.39 -3.83
CA GLY B 226 -31.35 -27.79 -4.17
C GLY B 226 -29.88 -28.15 -4.07
N PRO B 227 -29.59 -29.45 -4.25
CA PRO B 227 -28.27 -30.07 -4.05
C PRO B 227 -27.23 -29.62 -5.07
N GLN B 228 -27.65 -29.27 -6.28
CA GLN B 228 -26.72 -28.99 -7.37
C GLN B 228 -26.14 -27.59 -7.31
N ALA B 229 -26.88 -26.68 -6.69
CA ALA B 229 -26.45 -25.28 -6.59
C ALA B 229 -25.08 -25.16 -5.94
N LYS B 230 -24.22 -24.31 -6.51
CA LYS B 230 -22.97 -23.96 -5.82
C LYS B 230 -23.24 -22.75 -4.91
N ILE B 231 -22.92 -22.90 -3.63
CA ILE B 231 -23.21 -21.84 -2.67
C ILE B 231 -21.98 -21.56 -1.84
N ALA B 232 -21.38 -20.39 -2.05
CA ALA B 232 -20.16 -20.01 -1.35
C ALA B 232 -20.50 -19.08 -0.20
N ALA B 233 -19.61 -19.03 0.79
CA ALA B 233 -19.77 -18.15 1.94
C ALA B 233 -18.64 -17.11 1.98
N ASP B 234 -18.98 -15.83 1.84
CA ASP B 234 -17.98 -14.79 1.95
C ASP B 234 -17.92 -14.37 3.41
N MET B 235 -16.81 -14.70 4.08
CA MET B 235 -16.70 -14.52 5.53
C MET B 235 -16.20 -13.14 5.94
N HIS B 236 -15.88 -12.32 4.95
CA HIS B 236 -15.60 -10.91 5.20
C HIS B 236 -14.56 -10.65 6.29
N TRP B 237 -13.54 -11.50 6.32
CA TRP B 237 -12.30 -11.22 7.07
C TRP B 237 -12.35 -11.24 8.59
N ASN B 238 -13.43 -10.73 9.18
CA ASN B 238 -13.34 -10.41 10.61
C ASN B 238 -13.59 -11.58 11.58
N GLN B 239 -12.62 -12.50 11.64
CA GLN B 239 -12.67 -13.64 12.55
C GLN B 239 -11.25 -14.03 12.90
N THR B 240 -11.05 -14.59 14.09
CA THR B 240 -9.80 -15.26 14.38
C THR B 240 -9.79 -16.55 13.58
N PRO B 241 -8.61 -17.13 13.37
CA PRO B 241 -8.58 -18.40 12.66
C PRO B 241 -9.43 -19.46 13.38
N GLU B 242 -9.43 -19.44 14.70
CA GLU B 242 -10.17 -20.43 15.46
C GLU B 242 -11.68 -20.29 15.26
N ARG B 243 -12.15 -19.04 15.24
CA ARG B 243 -13.56 -18.74 15.03
C ARG B 243 -13.95 -19.06 13.58
N ALA B 244 -13.07 -18.70 12.64
CA ALA B 244 -13.33 -18.99 11.23
C ALA B 244 -13.54 -20.48 11.07
N LEU B 245 -12.63 -21.26 11.63
CA LEU B 245 -12.74 -22.72 11.55
C LEU B 245 -14.05 -23.24 12.13
N GLU B 246 -14.51 -22.62 13.23
CA GLU B 246 -15.78 -23.00 13.85
C GLU B 246 -16.95 -22.76 12.89
N LEU B 247 -16.99 -21.55 12.33
CA LEU B 247 -18.08 -21.17 11.43
C LEU B 247 -18.12 -22.10 10.22
N ILE B 248 -16.93 -22.42 9.70
CA ILE B 248 -16.82 -23.29 8.55
C ILE B 248 -17.30 -24.71 8.89
N ALA B 249 -16.97 -25.20 10.08
CA ALA B 249 -17.47 -26.51 10.50
C ALA B 249 -19.00 -26.53 10.54
N GLU B 250 -19.60 -25.42 11.01
CA GLU B 250 -21.05 -25.33 11.05
C GLU B 250 -21.67 -25.27 9.66
N MET B 251 -20.98 -24.68 8.70
CA MET B 251 -21.54 -24.57 7.34
C MET B 251 -21.27 -25.82 6.52
N GLN B 252 -20.24 -26.55 6.90
CA GLN B 252 -19.74 -27.69 6.10
C GLN B 252 -20.81 -28.71 5.69
N PRO B 253 -21.73 -29.03 6.61
CA PRO B 253 -22.71 -30.08 6.29
C PRO B 253 -23.59 -29.68 5.11
N PHE B 254 -23.62 -28.40 4.81
CA PHE B 254 -24.48 -27.89 3.74
C PHE B 254 -23.73 -27.71 2.42
N ASP B 255 -22.50 -28.22 2.38
CA ASP B 255 -21.75 -28.33 1.14
C ASP B 255 -21.44 -26.98 0.51
N PRO B 256 -20.72 -26.12 1.26
CA PRO B 256 -20.29 -24.82 0.75
C PRO B 256 -19.30 -24.98 -0.41
N TRP B 257 -19.48 -24.15 -1.43
CA TRP B 257 -18.64 -24.16 -2.63
C TRP B 257 -17.22 -23.73 -2.27
N PHE B 258 -17.11 -22.61 -1.56
CA PHE B 258 -15.86 -22.24 -0.92
C PHE B 258 -16.14 -21.28 0.23
N ALA B 259 -15.12 -21.07 1.06
CA ALA B 259 -15.21 -20.07 2.11
C ALA B 259 -14.20 -18.99 1.75
N GLU B 260 -14.69 -17.76 1.59
CA GLU B 260 -13.87 -16.65 1.13
C GLU B 260 -13.47 -15.74 2.28
N ALA B 261 -12.21 -15.25 2.26
CA ALA B 261 -11.74 -14.28 3.25
C ALA B 261 -12.06 -14.68 4.69
N PRO B 262 -11.58 -15.87 5.10
CA PRO B 262 -11.90 -16.35 6.46
C PRO B 262 -11.32 -15.47 7.56
N VAL B 263 -10.12 -14.93 7.36
CA VAL B 263 -9.49 -14.09 8.38
C VAL B 263 -8.94 -12.81 7.77
N TRP B 264 -8.37 -11.94 8.60
CA TRP B 264 -7.83 -10.69 8.12
C TRP B 264 -6.75 -10.87 7.07
N THR B 265 -6.77 -9.99 6.08
CA THR B 265 -5.80 -10.05 4.97
C THR B 265 -4.36 -10.15 5.46
N GLU B 266 -4.04 -9.45 6.55
CA GLU B 266 -2.66 -9.35 7.00
C GLU B 266 -2.23 -10.61 7.77
N ASP B 267 -3.20 -11.38 8.21
CA ASP B 267 -2.93 -12.49 9.12
C ASP B 267 -2.62 -13.77 8.35
N ILE B 268 -1.48 -13.80 7.67
CA ILE B 268 -1.13 -14.95 6.84
C ILE B 268 -0.99 -16.22 7.66
N ALA B 269 -0.54 -16.10 8.90
CA ALA B 269 -0.40 -17.26 9.76
C ALA B 269 -1.79 -17.84 10.03
N GLY B 270 -2.76 -16.97 10.28
CA GLY B 270 -4.12 -17.41 10.49
C GLY B 270 -4.70 -18.05 9.23
N LEU B 271 -4.35 -17.50 8.08
CA LEU B 271 -4.86 -18.04 6.82
C LEU B 271 -4.28 -19.42 6.60
N GLU B 272 -3.00 -19.59 6.95
CA GLU B 272 -2.39 -20.90 6.89
C GLU B 272 -3.13 -21.88 7.79
N LYS B 273 -3.34 -21.50 9.05
CA LYS B 273 -4.03 -22.37 10.00
C LYS B 273 -5.43 -22.79 9.52
N VAL B 274 -6.22 -21.83 9.03
CA VAL B 274 -7.55 -22.19 8.54
C VAL B 274 -7.45 -23.15 7.37
N SER B 275 -6.69 -22.78 6.34
CA SER B 275 -6.66 -23.55 5.11
C SER B 275 -6.16 -24.98 5.26
N LYS B 276 -5.38 -25.25 6.31
CA LYS B 276 -4.83 -26.59 6.53
C LYS B 276 -5.65 -27.42 7.52
N ASN B 277 -6.72 -26.83 8.05
CA ASN B 277 -7.54 -27.55 9.04
C ASN B 277 -9.00 -27.69 8.65
N THR B 278 -9.31 -27.39 7.39
CA THR B 278 -10.61 -27.70 6.81
C THR B 278 -10.40 -28.14 5.37
N ASP B 279 -11.31 -28.97 4.87
CA ASP B 279 -11.26 -29.42 3.48
C ASP B 279 -12.15 -28.53 2.61
N VAL B 280 -12.91 -27.65 3.24
CA VAL B 280 -13.67 -26.68 2.46
C VAL B 280 -12.67 -25.79 1.71
N PRO B 281 -12.86 -25.63 0.39
CA PRO B 281 -11.94 -24.82 -0.41
C PRO B 281 -11.86 -23.38 0.09
N ILE B 282 -10.65 -22.84 0.21
CA ILE B 282 -10.46 -21.45 0.65
C ILE B 282 -10.18 -20.55 -0.55
N ALA B 283 -10.89 -19.42 -0.60
CA ALA B 283 -10.78 -18.47 -1.69
C ALA B 283 -10.38 -17.10 -1.14
N VAL B 284 -9.37 -16.47 -1.74
CA VAL B 284 -8.93 -15.14 -1.32
C VAL B 284 -8.44 -14.30 -2.50
N GLY B 285 -8.25 -13.00 -2.30
CA GLY B 285 -7.45 -12.24 -3.24
C GLY B 285 -8.01 -10.98 -3.86
N GLU B 286 -9.27 -10.67 -3.59
CA GLU B 286 -9.88 -9.49 -4.22
C GLU B 286 -9.15 -8.22 -3.79
N GLU B 287 -8.54 -8.23 -2.61
CA GLU B 287 -7.89 -7.02 -2.09
C GLU B 287 -6.38 -7.02 -2.33
N TRP B 288 -5.88 -7.97 -3.12
CA TRP B 288 -4.47 -8.00 -3.44
C TRP B 288 -4.19 -6.99 -4.53
N ARG B 289 -2.92 -6.87 -4.92
CA ARG B 289 -2.56 -5.98 -6.01
C ARG B 289 -1.69 -6.68 -7.05
N THR B 290 -0.80 -7.56 -6.62
CA THR B 290 0.13 -8.20 -7.56
C THR B 290 0.41 -9.65 -7.24
N HIS B 291 1.05 -10.34 -8.17
CA HIS B 291 1.44 -11.74 -7.96
C HIS B 291 2.32 -11.88 -6.71
N TRP B 292 3.01 -10.81 -6.33
CA TRP B 292 3.82 -10.85 -5.12
C TRP B 292 2.94 -11.12 -3.90
N ASP B 293 1.75 -10.55 -3.88
CA ASP B 293 0.82 -10.78 -2.78
C ASP B 293 0.35 -12.24 -2.76
N MET B 294 0.20 -12.80 -3.94
CA MET B 294 -0.23 -14.19 -4.05
C MET B 294 0.90 -15.12 -3.57
N ARG B 295 2.14 -14.83 -4.00
CA ARG B 295 3.26 -15.66 -3.60
C ARG B 295 3.37 -15.74 -2.09
N ALA B 296 3.16 -14.62 -1.41
CA ALA B 296 3.27 -14.60 0.04
C ALA B 296 2.31 -15.60 0.69
N ARG B 297 1.13 -15.77 0.10
CA ARG B 297 0.15 -16.69 0.68
C ARG B 297 0.28 -18.13 0.22
N ILE B 298 0.47 -18.36 -1.09
CA ILE B 298 0.48 -19.74 -1.57
C ILE B 298 1.74 -20.52 -1.18
N GLU B 299 2.75 -19.81 -0.67
CA GLU B 299 3.94 -20.50 -0.15
C GLU B 299 3.69 -21.17 1.20
N ARG B 300 2.66 -20.70 1.91
CA ARG B 300 2.40 -21.14 3.29
C ARG B 300 1.03 -21.78 3.43
N CYS B 301 0.08 -21.33 2.61
CA CYS B 301 -1.32 -21.68 2.81
C CYS B 301 -1.85 -22.58 1.71
N ARG B 302 -2.99 -23.19 2.01
CA ARG B 302 -3.66 -24.06 1.07
C ARG B 302 -4.77 -23.27 0.37
N ILE B 303 -4.42 -22.57 -0.70
CA ILE B 303 -5.39 -21.73 -1.42
C ILE B 303 -5.98 -22.47 -2.61
N ALA B 304 -7.30 -22.65 -2.61
CA ALA B 304 -7.98 -23.36 -3.69
C ALA B 304 -8.29 -22.42 -4.84
N ILE B 305 -8.61 -21.17 -4.50
CA ILE B 305 -9.15 -20.23 -5.46
C ILE B 305 -8.55 -18.84 -5.21
N VAL B 306 -8.18 -18.12 -6.29
CA VAL B 306 -7.82 -16.71 -6.12
C VAL B 306 -8.82 -15.85 -6.86
N GLN B 307 -9.08 -14.65 -6.33
CA GLN B 307 -10.19 -13.84 -6.80
C GLN B 307 -9.75 -12.43 -7.15
N PRO B 308 -8.92 -12.29 -8.19
CA PRO B 308 -8.36 -10.95 -8.49
C PRO B 308 -9.44 -9.95 -8.87
N GLU B 309 -9.23 -8.67 -8.52
CA GLU B 309 -10.13 -7.60 -8.91
C GLU B 309 -9.42 -6.69 -9.92
N MET B 310 -9.87 -6.72 -11.17
CA MET B 310 -9.23 -5.97 -12.24
C MET B 310 -9.02 -4.49 -11.87
N GLY B 311 -10.01 -3.88 -11.21
CA GLY B 311 -9.95 -2.45 -10.91
C GLY B 311 -8.81 -2.04 -10.00
N HIS B 312 -8.33 -2.99 -9.19
CA HIS B 312 -7.20 -2.76 -8.29
C HIS B 312 -5.89 -3.14 -8.95
N LYS B 313 -5.94 -4.02 -9.96
CA LYS B 313 -4.72 -4.70 -10.42
C LYS B 313 -4.21 -4.33 -11.81
N GLY B 314 -5.12 -4.19 -12.77
CA GLY B 314 -4.69 -3.93 -14.14
C GLY B 314 -4.49 -5.24 -14.91
N ILE B 315 -4.38 -5.15 -16.22
CA ILE B 315 -4.29 -6.36 -17.03
C ILE B 315 -2.99 -7.11 -16.82
N THR B 316 -1.88 -6.37 -16.82
CA THR B 316 -0.58 -6.99 -16.56
C THR B 316 -0.58 -7.83 -15.28
N ASN B 317 -0.97 -7.24 -14.16
CA ASN B 317 -1.01 -7.98 -12.89
C ASN B 317 -2.00 -9.15 -12.91
N PHE B 318 -3.13 -8.93 -13.56
CA PHE B 318 -4.19 -9.91 -13.62
C PHE B 318 -3.69 -11.18 -14.31
N ILE B 319 -2.96 -11.02 -15.42
CA ILE B 319 -2.54 -12.19 -16.15
C ILE B 319 -1.36 -12.88 -15.47
N ARG B 320 -0.56 -12.12 -14.73
CA ARG B 320 0.54 -12.73 -13.98
C ARG B 320 -0.01 -13.57 -12.84
N ILE B 321 -1.03 -13.06 -12.16
CA ILE B 321 -1.72 -13.84 -11.14
C ILE B 321 -2.34 -15.10 -11.75
N GLY B 322 -2.93 -14.96 -12.94
CA GLY B 322 -3.50 -16.11 -13.64
C GLY B 322 -2.46 -17.17 -13.97
N ALA B 323 -1.30 -16.71 -14.46
CA ALA B 323 -0.24 -17.64 -14.85
C ALA B 323 0.26 -18.38 -13.62
N LEU B 324 0.39 -17.68 -12.50
CA LEU B 324 0.85 -18.31 -11.26
C LEU B 324 -0.17 -19.34 -10.75
N ALA B 325 -1.46 -19.02 -10.86
CA ALA B 325 -2.48 -19.97 -10.44
C ALA B 325 -2.36 -21.25 -11.28
N ALA B 326 -2.05 -21.07 -12.56
CA ALA B 326 -1.95 -22.21 -13.46
C ALA B 326 -0.75 -23.10 -13.11
N GLU B 327 0.36 -22.48 -12.69
CA GLU B 327 1.52 -23.25 -12.25
C GLU B 327 1.20 -24.15 -11.07
N HIS B 328 0.26 -23.72 -10.22
CA HIS B 328 -0.01 -24.45 -8.99
C HIS B 328 -1.39 -25.11 -8.95
N GLY B 329 -2.09 -25.08 -10.08
CA GLY B 329 -3.40 -25.71 -10.16
C GLY B 329 -4.42 -25.02 -9.28
N ILE B 330 -4.29 -23.70 -9.14
CA ILE B 330 -5.25 -22.92 -8.37
C ILE B 330 -6.33 -22.33 -9.29
N ASP B 331 -7.59 -22.41 -8.87
CA ASP B 331 -8.70 -21.90 -9.68
C ASP B 331 -8.72 -20.38 -9.65
N VAL B 332 -9.17 -19.77 -10.74
CA VAL B 332 -9.30 -18.31 -10.78
C VAL B 332 -10.78 -17.96 -10.89
N ILE B 333 -11.25 -17.15 -9.95
CA ILE B 333 -12.66 -16.71 -9.95
C ILE B 333 -12.68 -15.22 -9.60
N PRO B 334 -12.59 -14.37 -10.63
CA PRO B 334 -12.44 -12.93 -10.40
C PRO B 334 -13.63 -12.27 -9.69
N HIS B 335 -13.28 -11.25 -8.91
CA HIS B 335 -14.19 -10.40 -8.16
C HIS B 335 -14.72 -9.33 -9.12
N ALA B 336 -15.86 -8.74 -8.79
CA ALA B 336 -16.37 -7.60 -9.56
C ALA B 336 -16.86 -6.53 -8.59
N THR B 337 -16.86 -5.29 -9.03
CA THR B 337 -17.28 -4.19 -8.17
C THR B 337 -17.90 -3.14 -9.08
N VAL B 338 -18.65 -2.20 -8.53
CA VAL B 338 -19.39 -1.31 -9.42
C VAL B 338 -18.45 -0.29 -10.04
N GLY B 339 -18.66 0.00 -11.31
CA GLY B 339 -17.85 0.96 -12.04
C GLY B 339 -18.57 1.33 -13.30
N ALA B 340 -17.90 2.03 -14.20
CA ALA B 340 -18.53 2.48 -15.43
C ALA B 340 -18.56 1.36 -16.47
N GLY B 341 -17.78 0.30 -16.24
CA GLY B 341 -17.74 -0.81 -17.19
C GLY B 341 -16.38 -0.99 -17.85
N ILE B 342 -15.48 -0.05 -17.62
CA ILE B 342 -14.15 -0.09 -18.23
C ILE B 342 -13.29 -1.18 -17.60
N PHE B 343 -13.11 -1.16 -16.27
CA PHE B 343 -12.30 -2.22 -15.71
C PHE B 343 -12.99 -3.59 -15.76
N LEU B 344 -14.32 -3.61 -15.87
CA LEU B 344 -15.05 -4.87 -16.01
C LEU B 344 -14.77 -5.47 -17.37
N ALA B 345 -14.88 -4.66 -18.43
CA ALA B 345 -14.51 -5.12 -19.76
C ALA B 345 -13.08 -5.65 -19.75
N ALA B 346 -12.18 -4.95 -19.08
CA ALA B 346 -10.79 -5.39 -18.99
C ALA B 346 -10.73 -6.74 -18.29
N SER B 347 -11.52 -6.90 -17.23
CA SER B 347 -11.55 -8.16 -16.48
C SER B 347 -11.99 -9.31 -17.40
N LEU B 348 -13.06 -9.10 -18.16
CA LEU B 348 -13.54 -10.11 -19.09
C LEU B 348 -12.48 -10.47 -20.14
N GLN B 349 -11.86 -9.46 -20.76
CA GLN B 349 -10.82 -9.73 -21.74
C GLN B 349 -9.74 -10.62 -21.12
N ALA B 350 -9.19 -10.20 -19.97
CA ALA B 350 -8.10 -10.94 -19.35
C ALA B 350 -8.52 -12.34 -18.83
N SER B 351 -9.70 -12.41 -18.22
CA SER B 351 -10.17 -13.69 -17.66
C SER B 351 -10.33 -14.74 -18.76
N SER B 352 -10.72 -14.29 -19.94
CA SER B 352 -11.03 -15.20 -21.05
C SER B 352 -9.80 -15.97 -21.53
N THR B 353 -8.61 -15.48 -21.17
CA THR B 353 -7.36 -16.11 -21.59
C THR B 353 -6.82 -17.11 -20.59
N LEU B 354 -7.45 -17.20 -19.42
CA LEU B 354 -6.88 -17.96 -18.31
C LEU B 354 -7.33 -19.42 -18.28
N SER B 355 -6.38 -20.35 -18.31
CA SER B 355 -6.74 -21.77 -18.31
C SER B 355 -7.44 -22.15 -17.01
N MET B 356 -7.17 -21.43 -15.93
CA MET B 356 -7.74 -21.80 -14.63
C MET B 356 -9.06 -21.11 -14.29
N LEU B 357 -9.61 -20.36 -15.24
CA LEU B 357 -10.86 -19.62 -14.97
C LEU B 357 -12.01 -20.58 -14.66
N LYS B 358 -12.71 -20.35 -13.56
CA LYS B 358 -13.80 -21.22 -13.15
C LYS B 358 -15.11 -20.46 -12.96
N GLY B 359 -15.09 -19.15 -13.22
CA GLY B 359 -16.26 -18.31 -12.99
C GLY B 359 -15.84 -16.85 -12.78
N HIS B 360 -16.82 -15.97 -12.57
CA HIS B 360 -16.53 -14.54 -12.44
C HIS B 360 -17.72 -13.93 -11.71
N GLU B 361 -17.45 -13.12 -10.68
CA GLU B 361 -18.52 -12.50 -9.91
C GLU B 361 -19.41 -11.69 -10.83
N PHE B 362 -20.68 -11.62 -10.48
CA PHE B 362 -21.65 -10.77 -11.17
C PHE B 362 -22.68 -10.35 -10.15
N GLN B 363 -23.14 -9.11 -10.28
CA GLN B 363 -24.37 -8.69 -9.61
C GLN B 363 -25.11 -7.77 -10.55
N HIS B 364 -26.43 -7.87 -10.58
CA HIS B 364 -27.20 -7.06 -11.50
C HIS B 364 -26.92 -5.59 -11.28
N SER B 365 -26.93 -5.14 -10.02
CA SER B 365 -26.74 -3.71 -9.74
C SER B 365 -25.32 -3.24 -10.05
N ILE B 366 -24.36 -4.16 -10.02
CA ILE B 366 -22.98 -3.82 -10.36
C ILE B 366 -22.82 -3.68 -11.86
N PHE B 367 -23.48 -4.59 -12.59
CA PHE B 367 -23.34 -4.63 -14.04
C PHE B 367 -24.20 -3.60 -14.75
N GLU B 368 -25.41 -3.37 -14.24
CA GLU B 368 -26.39 -2.55 -14.98
C GLU B 368 -25.90 -1.17 -15.44
N PRO B 369 -25.13 -0.45 -14.60
CA PRO B 369 -24.72 0.90 -15.04
C PRO B 369 -23.98 0.88 -16.38
N ASN B 370 -23.23 -0.17 -16.69
CA ASN B 370 -22.46 -0.12 -17.93
C ASN B 370 -23.35 -0.07 -19.18
N ARG B 371 -24.63 -0.44 -19.03
CA ARG B 371 -25.59 -0.38 -20.13
C ARG B 371 -25.70 1.03 -20.67
N ARG B 372 -25.79 2.00 -19.76
CA ARG B 372 -25.95 3.39 -20.17
C ARG B 372 -24.62 4.13 -20.24
N LEU B 373 -23.62 3.64 -19.50
CA LEU B 373 -22.34 4.36 -19.41
C LEU B 373 -21.32 3.94 -20.45
N LEU B 374 -21.60 2.82 -21.13
CA LEU B 374 -20.71 2.27 -22.14
C LEU B 374 -21.39 2.11 -23.48
N ASP B 375 -20.64 2.33 -24.55
CA ASP B 375 -21.02 1.81 -25.85
C ASP B 375 -20.23 0.53 -26.07
N GLY B 376 -20.90 -0.53 -26.50
CA GLY B 376 -20.22 -1.79 -26.77
C GLY B 376 -21.15 -2.96 -26.51
N ASP B 377 -20.79 -4.13 -27.01
CA ASP B 377 -21.67 -5.29 -26.91
C ASP B 377 -21.22 -6.27 -25.83
N MET B 378 -20.70 -5.75 -24.72
CA MET B 378 -20.43 -6.60 -23.57
C MET B 378 -21.78 -6.91 -22.94
N ASP B 379 -21.99 -8.16 -22.51
CA ASP B 379 -23.30 -8.54 -21.97
C ASP B 379 -23.15 -9.58 -20.87
N CYS B 380 -24.22 -9.75 -20.09
CA CYS B 380 -24.33 -10.88 -19.18
C CYS B 380 -25.78 -11.31 -19.27
N ARG B 381 -26.01 -12.51 -19.78
CA ARG B 381 -27.38 -13.00 -19.88
C ARG B 381 -27.39 -14.51 -19.63
N GLU B 382 -28.50 -15.00 -19.08
CA GLU B 382 -28.65 -16.43 -18.77
C GLU B 382 -27.45 -16.97 -18.02
N GLY B 383 -26.94 -16.20 -17.07
CA GLY B 383 -25.90 -16.70 -16.19
C GLY B 383 -24.52 -16.81 -16.81
N ARG B 384 -24.28 -16.10 -17.91
CA ARG B 384 -22.96 -16.13 -18.56
C ARG B 384 -22.52 -14.76 -19.00
N TYR B 385 -21.25 -14.45 -18.84
CA TYR B 385 -20.70 -13.24 -19.43
C TYR B 385 -20.44 -13.50 -20.90
N HIS B 386 -20.66 -12.48 -21.74
CA HIS B 386 -20.31 -12.56 -23.14
C HIS B 386 -19.40 -11.38 -23.45
N LEU B 387 -18.23 -11.69 -24.02
CA LEU B 387 -17.24 -10.67 -24.31
C LEU B 387 -17.68 -9.77 -25.45
N PRO B 388 -17.31 -8.48 -25.40
CA PRO B 388 -17.64 -7.57 -26.50
C PRO B 388 -16.84 -7.93 -27.72
N SER B 389 -17.32 -7.51 -28.89
CA SER B 389 -16.56 -7.66 -30.12
C SER B 389 -15.79 -6.37 -30.33
N GLY B 390 -14.72 -6.44 -31.11
CA GLY B 390 -13.96 -5.25 -31.44
C GLY B 390 -12.60 -5.19 -30.78
N PRO B 391 -11.72 -4.34 -31.32
CA PRO B 391 -10.32 -4.19 -30.93
C PRO B 391 -10.22 -3.56 -29.55
N GLY B 392 -9.07 -3.71 -28.89
CA GLY B 392 -8.89 -3.17 -27.56
C GLY B 392 -9.87 -3.78 -26.59
N LEU B 393 -10.34 -2.97 -25.65
CA LEU B 393 -11.36 -3.40 -24.70
C LEU B 393 -12.67 -3.84 -25.37
N GLY B 394 -12.91 -3.38 -26.59
CA GLY B 394 -14.16 -3.63 -27.27
C GLY B 394 -15.29 -2.73 -26.83
N VAL B 395 -15.00 -1.78 -25.93
CA VAL B 395 -16.02 -0.86 -25.45
C VAL B 395 -15.41 0.52 -25.24
N ARG B 396 -16.26 1.52 -25.01
CA ARG B 396 -15.78 2.87 -24.68
C ARG B 396 -16.90 3.60 -23.97
N PRO B 397 -16.58 4.69 -23.27
CA PRO B 397 -17.64 5.44 -22.59
C PRO B 397 -18.70 5.98 -23.56
N SER B 398 -19.96 5.88 -23.18
CA SER B 398 -21.06 6.41 -23.99
C SER B 398 -21.08 7.93 -23.92
N GLU B 399 -21.88 8.56 -24.77
CA GLU B 399 -22.07 10.01 -24.69
C GLU B 399 -22.55 10.44 -23.31
N ALA B 400 -23.38 9.62 -22.67
CA ALA B 400 -23.87 9.91 -21.33
C ALA B 400 -22.71 10.00 -20.35
N ALA B 401 -21.84 8.99 -20.37
CA ALA B 401 -20.66 8.99 -19.51
C ALA B 401 -19.79 10.21 -19.80
N LEU B 402 -19.64 10.53 -21.08
CA LEU B 402 -18.75 11.63 -21.45
C LEU B 402 -19.29 12.94 -20.88
N GLY B 403 -20.60 13.01 -20.70
CA GLY B 403 -21.22 14.19 -20.13
C GLY B 403 -21.09 14.26 -18.62
N LEU B 404 -21.04 13.12 -17.96
CA LEU B 404 -20.99 13.08 -16.49
C LEU B 404 -19.57 13.24 -15.94
N ILE B 405 -18.59 12.73 -16.66
CA ILE B 405 -17.23 12.76 -16.14
C ILE B 405 -16.81 14.19 -15.79
N GLU B 406 -16.04 14.30 -14.70
CA GLU B 406 -15.49 15.58 -14.26
C GLU B 406 -14.00 15.42 -14.05
N ARG B 407 -13.23 16.39 -14.55
CA ARG B 407 -11.77 16.32 -14.43
C ARG B 407 -11.36 16.36 -12.96
N ILE B 408 -10.26 15.69 -12.65
CA ILE B 408 -9.71 15.75 -11.30
C ILE B 408 -8.19 15.78 -11.36
MG MG C . 18.25 1.82 3.60
C FMT D . 19.02 4.53 4.20
O1 FMT D . 19.54 5.53 4.69
O2 FMT D . 18.93 3.47 4.85
MG MG E . -15.55 -10.71 -1.13
CL CL F . -0.40 3.14 -1.76
CL CL F . -1.79 3.18 -0.28
#